data_4I72
#
_entry.id   4I72
#
_cell.length_a   72.750
_cell.length_b   130.980
_cell.length_c   63.690
_cell.angle_alpha   90.000
_cell.angle_beta   90.000
_cell.angle_gamma   90.000
#
_symmetry.space_group_name_H-M   'P 21 21 2'
#
loop_
_entity.id
_entity.type
_entity.pdbx_description
1 polymer 'Inosine-adenosine-guanosine-nucleoside hydrolase'
2 non-polymer 'CALCIUM ION'
3 non-polymer 3,4-PYRROLIDINEDIOL,2-(4-AMINO-5H-PYRROLO[3,2-D]PYRIMIDIN-7-YL)-5-(HYDROXYMETHYL)-2S,3S,4R,5R
4 non-polymer 'NICKEL (II) ION'
5 non-polymer 2-AMINO-2-HYDROXYMETHYL-PROPANE-1,3-DIOL
6 water water
#
_entity_poly.entity_id   1
_entity_poly.type   'polypeptide(L)'
_entity_poly.pdbx_seq_one_letter_code
;GSHMAKTVILDHDGNKDDFVAMILLLSNPKKVNLIGCICTDADCFVENGFDVTGKIMCAMHRLIKTPLFPIGKSTATAVN
AFPTEWRFSAKNLDDMPFLNIVEDVALWEKLKPENEAHNGQQLLADLVMKSKEKVTVCVTGPLSNMAWCIEKYGEAFTSK
VEECVIMGGAVDVGGNVFLPTTDGSAEWNIYWDPPAAKKVLCCPNIRCVLFSLDATNTVPVRSVDVKGFGAQNQYLLSQM
VGTMWAMSTHEEILRDGDAYYAWDALTAAYILEPTIATLEPVALDVDVSKGKSEGRTPRASGEGKPCVHVARNPSKQMFH
DLVFASTRVC
;
_entity_poly.pdbx_strand_id   A,B
#
# COMPACT_ATOMS: atom_id res chain seq x y z
N GLY A 1 27.17 24.47 -20.99
CA GLY A 1 27.79 23.15 -20.67
C GLY A 1 27.17 22.51 -19.44
N SER A 2 25.88 22.71 -19.27
CA SER A 2 25.15 22.47 -18.02
C SER A 2 23.70 22.98 -18.13
N HIS A 3 23.50 24.05 -18.90
CA HIS A 3 22.19 24.62 -19.23
C HIS A 3 21.31 23.89 -20.26
N MET A 4 21.84 22.88 -20.96
CA MET A 4 21.06 22.13 -21.95
C MET A 4 20.62 20.85 -21.29
N ALA A 5 19.30 20.63 -21.23
CA ALA A 5 18.75 19.43 -20.62
C ALA A 5 19.10 18.24 -21.49
N LYS A 6 19.28 17.07 -20.86
CA LYS A 6 19.47 15.81 -21.58
C LYS A 6 18.15 15.29 -22.15
N THR A 7 18.21 14.61 -23.28
CA THR A 7 17.03 14.01 -23.86
C THR A 7 16.94 12.57 -23.34
N VAL A 8 15.83 12.26 -22.64
CA VAL A 8 15.67 11.02 -21.92
C VAL A 8 14.38 10.28 -22.28
N ILE A 9 14.47 8.96 -22.41
CA ILE A 9 13.29 8.08 -22.49
C ILE A 9 13.37 7.14 -21.29
N LEU A 10 12.25 6.96 -20.58
CA LEU A 10 12.19 5.98 -19.49
C LEU A 10 11.53 4.71 -19.97
N ASP A 11 12.26 3.60 -19.91
CA ASP A 11 11.82 2.29 -20.38
C ASP A 11 11.65 1.53 -19.05
N HIS A 12 10.39 1.38 -18.60
CA HIS A 12 10.11 0.88 -17.26
C HIS A 12 9.10 -0.23 -17.18
N ASP A 13 8.95 -0.83 -15.99
CA ASP A 13 7.97 -1.89 -15.77
C ASP A 13 7.00 -1.68 -14.58
N GLY A 14 6.77 -0.43 -14.21
CA GLY A 14 5.52 -0.09 -13.50
C GLY A 14 5.40 -0.41 -12.03
N ASN A 15 6.51 -0.53 -11.31
CA ASN A 15 6.42 -0.77 -9.89
C ASN A 15 6.64 0.54 -9.20
N LYS A 16 6.65 0.54 -7.89
CA LYS A 16 6.70 1.78 -7.11
C LYS A 16 8.01 2.53 -7.33
N ASP A 17 9.12 1.81 -7.37
CA ASP A 17 10.39 2.47 -7.65
C ASP A 17 10.47 2.95 -9.11
N ASP A 18 9.85 2.25 -10.05
CA ASP A 18 9.83 2.74 -11.43
C ASP A 18 9.17 4.10 -11.46
N PHE A 19 8.12 4.30 -10.67
CA PHE A 19 7.44 5.57 -10.75
C PHE A 19 8.15 6.68 -10.00
N VAL A 20 8.86 6.33 -8.92
CA VAL A 20 9.63 7.34 -8.20
C VAL A 20 10.73 7.82 -9.20
N ALA A 21 11.31 6.87 -9.93
CA ALA A 21 12.23 7.17 -11.00
C ALA A 21 11.62 8.18 -12.00
N MET A 22 10.41 7.89 -12.49
CA MET A 22 9.73 8.72 -13.49
C MET A 22 9.53 10.12 -12.93
N ILE A 23 9.11 10.19 -11.66
CA ILE A 23 8.97 11.43 -10.95
C ILE A 23 10.27 12.22 -10.79
N LEU A 24 11.37 11.56 -10.44
CA LEU A 24 12.63 12.33 -10.30
C LEU A 24 13.03 12.97 -11.65
N LEU A 25 12.86 12.21 -12.72
CA LEU A 25 13.19 12.70 -14.04
C LEU A 25 12.27 13.89 -14.48
N LEU A 26 10.97 13.70 -14.37
CA LEU A 26 10.00 14.64 -14.90
C LEU A 26 9.93 15.89 -14.06
N SER A 27 10.28 15.80 -12.78
CA SER A 27 10.21 16.95 -11.89
C SER A 27 11.39 17.92 -12.09
N ASN A 28 12.34 17.58 -12.95
CA ASN A 28 13.59 18.36 -13.10
C ASN A 28 13.82 18.73 -14.57
N PRO A 29 12.87 19.47 -15.21
CA PRO A 29 13.02 19.79 -16.65
C PRO A 29 14.32 20.53 -17.01
N LYS A 30 14.90 21.27 -16.07
CA LYS A 30 16.18 21.94 -16.33
C LYS A 30 17.27 20.94 -16.70
N LYS A 31 17.22 19.77 -16.09
CA LYS A 31 18.24 18.73 -16.31
C LYS A 31 17.79 17.74 -17.34
N VAL A 32 16.48 17.48 -17.43
CA VAL A 32 15.96 16.36 -18.24
C VAL A 32 14.72 16.73 -19.05
N ASN A 33 14.78 16.45 -20.34
CA ASN A 33 13.66 16.58 -21.27
C ASN A 33 13.14 15.19 -21.54
N LEU A 34 12.06 14.80 -20.84
CA LEU A 34 11.54 13.44 -20.96
C LEU A 34 10.67 13.34 -22.19
N ILE A 35 11.12 12.56 -23.18
CA ILE A 35 10.46 12.57 -24.49
C ILE A 35 9.59 11.36 -24.73
N GLY A 36 9.61 10.39 -23.82
CA GLY A 36 8.76 9.22 -23.97
C GLY A 36 8.91 8.27 -22.79
N CYS A 37 7.91 7.41 -22.59
CA CYS A 37 8.01 6.28 -21.62
C CYS A 37 7.49 5.01 -22.25
N ILE A 38 8.16 3.90 -21.99
CA ILE A 38 7.71 2.59 -22.43
C ILE A 38 7.35 1.84 -21.17
N CYS A 39 6.30 1.02 -21.20
CA CYS A 39 5.93 0.20 -20.06
C CYS A 39 5.83 -1.30 -20.46
N THR A 40 6.47 -2.16 -19.68
CA THR A 40 6.54 -3.59 -20.00
C THR A 40 5.77 -4.34 -18.94
N ASP A 41 5.12 -5.41 -19.34
CA ASP A 41 4.26 -6.24 -18.51
C ASP A 41 5.14 -7.14 -17.63
N ALA A 42 6.10 -6.57 -16.93
CA ALA A 42 7.01 -7.38 -16.11
C ALA A 42 6.69 -7.23 -14.60
N ASP A 43 7.26 -6.25 -13.92
CA ASP A 43 6.93 -6.00 -12.51
C ASP A 43 5.64 -5.18 -12.33
N CYS A 44 4.73 -5.29 -13.30
CA CYS A 44 3.36 -4.78 -13.19
C CYS A 44 2.47 -5.59 -14.13
N PHE A 45 1.15 -5.31 -14.07
CA PHE A 45 0.23 -5.64 -15.16
C PHE A 45 0.22 -4.40 -16.04
N VAL A 46 0.50 -4.60 -17.32
CA VAL A 46 0.87 -3.49 -18.21
C VAL A 46 -0.21 -2.43 -18.34
N GLU A 47 -1.47 -2.84 -18.29
CA GLU A 47 -2.53 -1.86 -18.42
C GLU A 47 -2.49 -0.87 -17.25
N ASN A 48 -2.12 -1.35 -16.05
CA ASN A 48 -2.04 -0.48 -14.85
C ASN A 48 -0.85 0.40 -14.96
N GLY A 49 0.29 -0.19 -15.33
CA GLY A 49 1.52 0.59 -15.49
C GLY A 49 1.33 1.74 -16.49
N PHE A 50 0.65 1.43 -17.58
CA PHE A 50 0.32 2.41 -18.64
C PHE A 50 -0.48 3.59 -18.10
N ASP A 51 -1.57 3.28 -17.42
CA ASP A 51 -2.46 4.29 -16.83
C ASP A 51 -1.74 5.19 -15.84
N VAL A 52 -0.91 4.58 -15.00
CA VAL A 52 -0.20 5.36 -13.98
C VAL A 52 0.83 6.28 -14.63
N THR A 53 1.53 5.77 -15.64
CA THR A 53 2.45 6.61 -16.41
C THR A 53 1.75 7.82 -16.98
N GLY A 54 0.59 7.59 -17.57
CA GLY A 54 -0.17 8.66 -18.22
C GLY A 54 -0.61 9.72 -17.23
N LYS A 55 -1.08 9.28 -16.08
CA LYS A 55 -1.72 10.21 -15.14
C LYS A 55 -0.67 11.01 -14.41
N ILE A 56 0.52 10.40 -14.20
CA ILE A 56 1.68 11.15 -13.68
C ILE A 56 2.09 12.19 -14.70
N MET A 57 2.17 11.78 -15.96
CA MET A 57 2.57 12.75 -17.04
C MET A 57 1.59 13.90 -17.02
N CYS A 58 0.28 13.57 -16.95
CA CYS A 58 -0.75 14.60 -16.97
C CYS A 58 -0.71 15.51 -15.75
N ALA A 59 -0.45 14.94 -14.55
CA ALA A 59 -0.37 15.73 -13.32
C ALA A 59 0.79 16.74 -13.37
N MET A 60 1.97 16.33 -13.85
CA MET A 60 3.13 17.23 -13.92
CA MET A 60 3.12 17.25 -13.89
C MET A 60 2.93 18.29 -14.99
N HIS A 61 2.32 17.89 -16.12
CA HIS A 61 2.00 18.86 -17.16
C HIS A 61 1.05 19.97 -16.61
N ARG A 62 0.06 19.59 -15.83
CA ARG A 62 -0.83 20.58 -15.25
C ARG A 62 -0.11 21.49 -14.26
N LEU A 63 0.73 20.90 -13.42
CA LEU A 63 1.30 21.64 -12.28
C LEU A 63 2.53 22.45 -12.66
N ILE A 64 3.48 21.86 -13.42
CA ILE A 64 4.69 22.61 -13.85
C ILE A 64 4.92 22.75 -15.40
N LYS A 65 3.93 22.38 -16.21
N LYS A 65 3.95 22.35 -16.20
CA LYS A 65 4.01 22.49 -17.68
CA LYS A 65 4.01 22.53 -17.65
C LYS A 65 5.21 21.78 -18.32
C LYS A 65 5.13 21.73 -18.35
N THR A 66 5.64 20.67 -17.71
CA THR A 66 6.50 19.73 -18.43
C THR A 66 5.71 19.24 -19.65
N PRO A 67 6.39 19.00 -20.76
CA PRO A 67 5.66 18.46 -21.92
C PRO A 67 4.94 17.13 -21.69
N LEU A 68 3.87 16.94 -22.45
CA LEU A 68 3.31 15.66 -22.75
C LEU A 68 4.28 14.90 -23.66
N PHE A 69 4.03 13.60 -23.82
CA PHE A 69 4.93 12.75 -24.55
C PHE A 69 4.25 11.45 -24.87
N PRO A 70 4.68 10.79 -25.94
CA PRO A 70 4.18 9.47 -26.22
C PRO A 70 4.54 8.47 -25.13
N ILE A 71 3.68 7.48 -24.96
CA ILE A 71 3.77 6.40 -23.98
C ILE A 71 3.33 5.15 -24.69
N GLY A 72 4.09 4.08 -24.59
CA GLY A 72 3.67 2.84 -25.26
C GLY A 72 3.88 1.55 -24.49
N LYS A 73 2.88 0.69 -24.53
CA LYS A 73 2.92 -0.63 -23.97
C LYS A 73 3.73 -1.60 -24.83
N SER A 74 4.85 -2.05 -24.28
CA SER A 74 5.61 -3.11 -24.91
C SER A 74 4.81 -4.40 -24.97
N THR A 75 5.07 -5.19 -26.00
CA THR A 75 4.46 -6.51 -26.13
C THR A 75 5.46 -7.59 -25.73
N ALA A 76 6.63 -7.21 -25.24
CA ALA A 76 7.57 -8.19 -24.64
C ALA A 76 6.89 -9.11 -23.62
N THR A 77 7.18 -10.39 -23.67
CA THR A 77 6.66 -11.40 -22.73
C THR A 77 7.78 -12.03 -21.91
N ALA A 78 7.42 -12.47 -20.71
CA ALA A 78 8.39 -13.02 -19.76
C ALA A 78 8.98 -14.38 -20.16
N VAL A 79 10.28 -14.53 -19.96
CA VAL A 79 10.88 -15.85 -19.78
C VAL A 79 10.54 -16.36 -18.38
N ASN A 80 10.88 -15.55 -17.37
CA ASN A 80 10.56 -15.86 -15.98
C ASN A 80 9.86 -14.64 -15.32
N ALA A 81 8.56 -14.78 -15.05
CA ALA A 81 7.74 -13.64 -14.62
C ALA A 81 8.09 -13.22 -13.20
N PHE A 82 7.84 -11.95 -12.92
CA PHE A 82 7.92 -11.47 -11.53
C PHE A 82 6.88 -12.19 -10.67
N PRO A 83 7.13 -12.25 -9.35
CA PRO A 83 6.10 -12.75 -8.46
C PRO A 83 4.82 -11.93 -8.60
N THR A 84 3.69 -12.63 -8.74
CA THR A 84 2.40 -12.01 -9.08
C THR A 84 2.03 -10.96 -8.06
N GLU A 85 2.29 -11.27 -6.80
CA GLU A 85 1.92 -10.39 -5.72
C GLU A 85 2.56 -8.98 -5.89
N TRP A 86 3.83 -8.95 -6.33
CA TRP A 86 4.57 -7.69 -6.51
C TRP A 86 3.96 -6.85 -7.63
N ARG A 87 3.37 -7.53 -8.61
CA ARG A 87 2.95 -6.92 -9.83
C ARG A 87 1.72 -6.07 -9.70
N PHE A 88 1.02 -6.19 -8.57
CA PHE A 88 -0.21 -5.47 -8.39
C PHE A 88 0.00 -4.01 -7.98
N SER A 89 1.22 -3.62 -7.63
CA SER A 89 1.51 -2.28 -7.14
C SER A 89 0.92 -1.16 -8.03
N ALA A 90 0.98 -1.29 -9.35
CA ALA A 90 0.47 -0.23 -10.22
C ALA A 90 -1.05 -0.19 -10.21
N LYS A 91 -1.71 -1.30 -9.87
CA LYS A 91 -3.16 -1.24 -9.70
C LYS A 91 -3.44 -0.42 -8.46
N ASN A 92 -2.74 -0.67 -7.36
CA ASN A 92 -2.97 0.15 -6.13
C ASN A 92 -2.75 1.65 -6.40
N LEU A 93 -1.72 1.96 -7.19
CA LEU A 93 -1.37 3.34 -7.48
C LEU A 93 -2.41 4.00 -8.37
N ASP A 94 -2.94 3.20 -9.29
CA ASP A 94 -3.93 3.69 -10.21
C ASP A 94 -5.17 4.13 -9.45
N ASP A 95 -5.41 3.48 -8.31
CA ASP A 95 -6.57 3.77 -7.48
C ASP A 95 -6.36 4.83 -6.41
N MET A 96 -5.14 5.36 -6.27
CA MET A 96 -4.82 6.30 -5.20
C MET A 96 -5.48 7.66 -5.45
N PRO A 97 -5.90 8.33 -4.38
CA PRO A 97 -6.56 9.61 -4.60
C PRO A 97 -5.67 10.67 -5.29
N PHE A 98 -4.39 10.67 -5.02
CA PHE A 98 -3.49 11.66 -5.66
C PHE A 98 -3.32 11.39 -7.16
N LEU A 99 -3.68 10.20 -7.61
CA LEU A 99 -3.67 9.83 -9.02
C LEU A 99 -5.07 9.72 -9.61
N ASN A 100 -6.04 10.37 -8.98
CA ASN A 100 -7.41 10.48 -9.49
C ASN A 100 -8.01 11.87 -9.35
N ILE A 101 -7.17 12.88 -9.39
CA ILE A 101 -7.64 14.24 -9.48
C ILE A 101 -8.40 14.39 -10.83
N VAL A 102 -9.61 14.92 -10.76
CA VAL A 102 -10.52 15.00 -11.92
C VAL A 102 -9.84 15.53 -13.22
N GLU A 103 -9.12 16.63 -13.11
CA GLU A 103 -8.49 17.27 -14.27
C GLU A 103 -7.49 16.30 -14.93
N ASP A 104 -6.70 15.59 -14.12
CA ASP A 104 -5.68 14.69 -14.68
C ASP A 104 -6.31 13.46 -15.30
N VAL A 105 -7.33 12.91 -14.65
CA VAL A 105 -8.05 11.77 -15.18
C VAL A 105 -8.71 12.16 -16.53
N ALA A 106 -9.29 13.37 -16.59
CA ALA A 106 -9.93 13.84 -17.83
C ALA A 106 -8.93 14.02 -18.96
N LEU A 107 -7.76 14.59 -18.68
CA LEU A 107 -6.72 14.75 -19.71
C LEU A 107 -6.20 13.41 -20.20
N TRP A 108 -5.97 12.47 -19.27
CA TRP A 108 -5.45 11.16 -19.64
C TRP A 108 -6.47 10.33 -20.48
N GLU A 109 -7.77 10.44 -20.21
CA GLU A 109 -8.74 9.75 -21.08
C GLU A 109 -8.76 10.35 -22.50
N LYS A 110 -8.40 11.63 -22.61
CA LYS A 110 -8.28 12.32 -23.90
C LYS A 110 -7.06 11.83 -24.71
N LEU A 111 -5.99 11.49 -24.01
CA LEU A 111 -4.74 11.10 -24.64
C LEU A 111 -4.56 9.60 -24.76
N LYS A 112 -5.30 8.82 -23.97
CA LYS A 112 -5.12 7.37 -23.92
C LYS A 112 -5.27 6.66 -25.29
N PRO A 113 -6.33 6.99 -26.08
CA PRO A 113 -6.51 6.24 -27.35
C PRO A 113 -5.30 6.32 -28.29
N GLU A 114 -4.78 7.53 -28.50
CA GLU A 114 -3.57 7.79 -29.31
C GLU A 114 -2.31 7.03 -28.82
N ASN A 115 -2.16 6.96 -27.49
CA ASN A 115 -1.05 6.20 -26.89
C ASN A 115 -1.28 4.72 -26.96
N GLU A 116 -2.54 4.29 -26.91
CA GLU A 116 -2.90 2.87 -26.96
C GLU A 116 -2.51 2.16 -28.26
N ALA A 117 -2.39 2.94 -29.34
CA ALA A 117 -2.06 2.41 -30.66
C ALA A 117 -0.55 2.11 -30.81
N HIS A 118 0.25 2.68 -29.91
CA HIS A 118 1.70 2.56 -29.98
C HIS A 118 2.09 1.18 -29.61
N ASN A 119 3.12 0.68 -30.27
CA ASN A 119 3.81 -0.53 -29.81
C ASN A 119 5.05 -0.08 -29.05
N GLY A 120 5.20 -0.56 -27.81
CA GLY A 120 6.29 -0.10 -26.96
C GLY A 120 7.68 -0.18 -27.59
N GLN A 121 8.01 -1.32 -28.20
CA GLN A 121 9.34 -1.54 -28.76
C GLN A 121 9.55 -0.58 -29.92
N GLN A 122 8.55 -0.52 -30.79
CA GLN A 122 8.62 0.33 -31.99
C GLN A 122 8.76 1.77 -31.54
N LEU A 123 8.01 2.17 -30.50
CA LEU A 123 8.07 3.56 -30.00
C LEU A 123 9.46 3.89 -29.53
N LEU A 124 10.07 2.99 -28.74
CA LEU A 124 11.44 3.18 -28.28
C LEU A 124 12.37 3.42 -29.47
N ALA A 125 12.34 2.54 -30.46
CA ALA A 125 13.20 2.77 -31.64
C ALA A 125 12.92 4.11 -32.33
N ASP A 126 11.65 4.39 -32.63
CA ASP A 126 11.26 5.65 -33.32
C ASP A 126 11.75 6.89 -32.63
N LEU A 127 11.58 6.97 -31.31
CA LEU A 127 11.93 8.18 -30.56
C LEU A 127 13.43 8.41 -30.58
N VAL A 128 14.19 7.31 -30.46
CA VAL A 128 15.63 7.42 -30.42
C VAL A 128 16.13 7.85 -31.82
N MET A 129 15.65 7.17 -32.86
CA MET A 129 16.08 7.47 -34.25
C MET A 129 15.66 8.88 -34.73
N LYS A 130 14.51 9.38 -34.27
CA LYS A 130 14.04 10.70 -34.72
C LYS A 130 14.55 11.87 -33.91
N SER A 131 15.17 11.61 -32.76
CA SER A 131 15.63 12.68 -31.91
C SER A 131 16.71 13.52 -32.58
N LYS A 132 16.76 14.81 -32.26
CA LYS A 132 17.81 15.65 -32.84
C LYS A 132 19.10 15.47 -32.04
N GLU A 133 18.97 15.43 -30.72
CA GLU A 133 20.05 15.05 -29.82
C GLU A 133 20.11 13.51 -29.62
N LYS A 134 21.26 13.03 -29.15
CA LYS A 134 21.40 11.63 -28.78
C LYS A 134 20.61 11.39 -27.47
N VAL A 135 19.98 10.23 -27.37
CA VAL A 135 19.04 9.95 -26.28
C VAL A 135 19.63 9.06 -25.18
N THR A 136 19.50 9.52 -23.93
CA THR A 136 19.85 8.72 -22.76
C THR A 136 18.60 7.88 -22.45
N VAL A 137 18.71 6.56 -22.54
CA VAL A 137 17.57 5.66 -22.27
C VAL A 137 17.74 5.13 -20.84
N CYS A 138 16.81 5.48 -19.95
CA CYS A 138 16.81 4.94 -18.59
C CYS A 138 16.04 3.65 -18.61
N VAL A 139 16.65 2.53 -18.28
CA VAL A 139 15.93 1.27 -18.26
C VAL A 139 15.79 0.78 -16.84
N THR A 140 14.53 0.64 -16.39
CA THR A 140 14.28 0.25 -15.02
C THR A 140 13.45 -1.03 -14.93
N GLY A 141 13.07 -1.56 -16.10
CA GLY A 141 12.51 -2.89 -16.19
C GLY A 141 13.51 -3.79 -16.92
N PRO A 142 13.05 -4.90 -17.47
CA PRO A 142 13.94 -5.78 -18.20
C PRO A 142 14.45 -5.15 -19.50
N LEU A 143 15.43 -5.83 -20.11
CA LEU A 143 16.19 -5.29 -21.21
C LEU A 143 15.61 -5.70 -22.58
N SER A 144 14.42 -6.31 -22.53
CA SER A 144 13.72 -6.82 -23.70
C SER A 144 13.50 -5.79 -24.81
N ASN A 145 13.19 -4.54 -24.47
CA ASN A 145 12.91 -3.52 -25.45
C ASN A 145 14.19 -2.96 -26.05
N MET A 146 15.24 -2.81 -25.25
CA MET A 146 16.50 -2.39 -25.83
C MET A 146 17.03 -3.43 -26.80
N ALA A 147 16.86 -4.71 -26.46
CA ALA A 147 17.42 -5.79 -27.24
C ALA A 147 16.68 -5.82 -28.58
N TRP A 148 15.36 -5.67 -28.55
CA TRP A 148 14.55 -5.61 -29.77
C TRP A 148 15.02 -4.47 -30.70
N CYS A 149 15.19 -3.25 -30.19
CA CYS A 149 15.67 -2.15 -31.02
C CYS A 149 17.06 -2.39 -31.62
N ILE A 150 18.03 -2.79 -30.79
CA ILE A 150 19.40 -3.10 -31.26
C ILE A 150 19.42 -4.15 -32.36
N GLU A 151 18.61 -5.18 -32.16
CA GLU A 151 18.50 -6.25 -33.12
C GLU A 151 17.87 -5.79 -34.43
N LYS A 152 16.78 -5.02 -34.37
CA LYS A 152 16.06 -4.65 -35.60
C LYS A 152 16.71 -3.54 -36.41
N TYR A 153 17.36 -2.58 -35.75
CA TYR A 153 17.84 -1.39 -36.46
C TYR A 153 19.35 -1.18 -36.46
N GLY A 154 20.08 -1.94 -35.65
CA GLY A 154 21.55 -1.86 -35.58
C GLY A 154 22.05 -0.47 -35.25
N GLU A 155 23.03 -0.01 -36.04
CA GLU A 155 23.68 1.33 -35.90
C GLU A 155 22.72 2.50 -36.07
N ALA A 156 21.68 2.25 -36.83
CA ALA A 156 20.59 3.19 -37.05
C ALA A 156 20.03 3.65 -35.70
N PHE A 157 19.91 2.69 -34.78
CA PHE A 157 19.49 2.93 -33.39
C PHE A 157 20.64 3.31 -32.46
N THR A 158 21.65 2.44 -32.40
CA THR A 158 22.70 2.55 -31.40
C THR A 158 23.46 3.83 -31.53
N SER A 159 23.63 4.34 -32.76
CA SER A 159 24.37 5.62 -32.95
C SER A 159 23.61 6.82 -32.42
N LYS A 160 22.33 6.64 -32.13
CA LYS A 160 21.44 7.70 -31.60
C LYS A 160 21.29 7.69 -30.05
N VAL A 161 21.83 6.65 -29.40
CA VAL A 161 21.92 6.54 -27.96
C VAL A 161 23.16 7.24 -27.34
N GLU A 162 22.94 8.20 -26.46
CA GLU A 162 24.02 8.78 -25.68
C GLU A 162 24.61 7.69 -24.79
N GLU A 163 23.79 7.15 -23.89
CA GLU A 163 24.13 5.97 -23.09
C GLU A 163 22.83 5.38 -22.59
N CYS A 164 22.87 4.10 -22.23
CA CYS A 164 21.76 3.43 -21.59
C CYS A 164 22.09 3.24 -20.11
N VAL A 165 21.31 3.90 -19.24
CA VAL A 165 21.43 3.85 -17.74
C VAL A 165 20.40 2.84 -17.23
N ILE A 166 20.89 1.71 -16.72
CA ILE A 166 20.12 0.49 -16.57
C ILE A 166 20.16 0.05 -15.11
N MET A 167 19.00 -0.30 -14.57
CA MET A 167 18.90 -0.94 -13.29
C MET A 167 18.90 -2.44 -13.58
N GLY A 168 19.95 -3.10 -13.12
CA GLY A 168 20.01 -4.56 -13.30
C GLY A 168 21.30 -5.22 -12.84
N GLY A 169 21.22 -6.51 -12.57
CA GLY A 169 22.41 -7.32 -12.30
C GLY A 169 22.88 -7.27 -10.85
N ALA A 170 23.91 -8.07 -10.56
CA ALA A 170 24.58 -8.08 -9.28
C ALA A 170 25.95 -8.73 -9.55
N VAL A 171 27.01 -7.96 -9.33
CA VAL A 171 28.30 -8.30 -9.87
C VAL A 171 29.13 -8.99 -8.78
N ASP A 172 29.42 -8.28 -7.69
CA ASP A 172 30.26 -8.83 -6.61
C ASP A 172 29.47 -9.06 -5.35
N VAL A 173 28.15 -8.98 -5.45
CA VAL A 173 27.26 -9.27 -4.33
C VAL A 173 26.24 -10.31 -4.80
N GLY A 174 25.48 -10.83 -3.84
CA GLY A 174 24.38 -11.75 -4.15
C GLY A 174 23.24 -11.10 -4.94
N GLY A 175 22.40 -11.95 -5.49
CA GLY A 175 21.25 -11.50 -6.23
C GLY A 175 20.08 -11.24 -5.33
N ASN A 176 18.91 -11.06 -5.94
CA ASN A 176 17.66 -11.00 -5.21
C ASN A 176 16.58 -11.92 -5.80
N VAL A 177 16.99 -12.93 -6.57
CA VAL A 177 16.01 -13.85 -7.14
C VAL A 177 16.02 -15.16 -6.35
N PHE A 178 15.04 -15.27 -5.45
CA PHE A 178 14.99 -16.36 -4.47
C PHE A 178 13.83 -17.29 -4.76
N LEU A 179 14.13 -18.37 -5.46
CA LEU A 179 13.10 -19.31 -5.88
C LEU A 179 13.62 -20.75 -5.69
N PRO A 180 12.69 -21.73 -5.56
CA PRO A 180 13.13 -23.14 -5.39
C PRO A 180 14.15 -23.64 -6.42
N THR A 181 14.11 -23.09 -7.63
CA THR A 181 14.99 -23.53 -8.73
C THR A 181 16.25 -22.68 -8.95
N THR A 182 16.43 -21.61 -8.17
CA THR A 182 17.59 -20.70 -8.35
C THR A 182 18.49 -20.67 -7.13
N ASP A 183 19.72 -20.19 -7.34
CA ASP A 183 20.74 -20.16 -6.28
C ASP A 183 20.90 -18.80 -5.57
N GLY A 184 20.05 -17.81 -5.93
CA GLY A 184 20.08 -16.49 -5.30
C GLY A 184 21.12 -15.57 -5.88
N SER A 185 21.77 -15.99 -6.97
CA SER A 185 22.86 -15.24 -7.52
C SER A 185 22.45 -14.19 -8.54
N ALA A 186 21.21 -14.25 -9.01
CA ALA A 186 20.76 -13.39 -10.13
C ALA A 186 19.83 -12.32 -9.61
N GLU A 187 19.72 -11.24 -10.39
CA GLU A 187 18.88 -10.13 -10.06
C GLU A 187 17.66 -10.17 -10.99
N TRP A 188 16.53 -9.70 -10.46
CA TRP A 188 15.22 -9.85 -11.10
C TRP A 188 15.11 -9.29 -12.51
N ASN A 189 15.57 -8.07 -12.73
CA ASN A 189 15.46 -7.47 -14.08
C ASN A 189 16.15 -8.28 -15.16
N ILE A 190 17.34 -8.78 -14.88
CA ILE A 190 18.03 -9.67 -15.84
C ILE A 190 17.30 -11.03 -15.95
N TYR A 191 16.92 -11.59 -14.82
CA TYR A 191 16.29 -12.93 -14.77
C TYR A 191 14.98 -13.02 -15.59
N TRP A 192 14.28 -11.89 -15.71
CA TRP A 192 13.01 -11.87 -16.41
C TRP A 192 13.19 -12.25 -17.86
N ASP A 193 14.34 -11.91 -18.42
CA ASP A 193 14.65 -12.20 -19.83
C ASP A 193 16.15 -12.19 -20.01
N PRO A 194 16.82 -13.29 -19.62
CA PRO A 194 18.29 -13.25 -19.66
C PRO A 194 18.93 -13.03 -21.06
N PRO A 195 18.40 -13.69 -22.12
CA PRO A 195 19.01 -13.45 -23.44
C PRO A 195 18.95 -11.98 -23.92
N ALA A 196 17.86 -11.28 -23.62
CA ALA A 196 17.75 -9.88 -23.97
C ALA A 196 18.87 -9.14 -23.26
N ALA A 197 19.03 -9.43 -21.97
CA ALA A 197 20.07 -8.81 -21.14
C ALA A 197 21.47 -9.03 -21.71
N LYS A 198 21.78 -10.31 -21.99
CA LYS A 198 23.05 -10.63 -22.64
C LYS A 198 23.25 -9.82 -23.96
N LYS A 199 22.22 -9.72 -24.80
CA LYS A 199 22.34 -8.96 -26.04
C LYS A 199 22.66 -7.46 -25.84
N VAL A 200 22.07 -6.82 -24.83
CA VAL A 200 22.34 -5.38 -24.61
C VAL A 200 23.60 -5.15 -23.82
N LEU A 201 23.78 -5.87 -22.71
CA LEU A 201 24.85 -5.51 -21.75
C LEU A 201 26.24 -5.67 -22.36
N CYS A 202 26.40 -6.64 -23.25
CA CYS A 202 27.67 -6.77 -23.99
C CYS A 202 27.55 -6.38 -25.47
N CYS A 203 26.63 -5.45 -25.78
CA CYS A 203 26.55 -4.88 -27.11
C CYS A 203 27.75 -3.93 -27.32
N PRO A 204 28.65 -4.27 -28.25
CA PRO A 204 29.83 -3.40 -28.45
C PRO A 204 29.56 -1.93 -28.94
N ASN A 205 28.31 -1.59 -29.27
CA ASN A 205 28.02 -0.30 -29.87
C ASN A 205 27.15 0.60 -28.99
N ILE A 206 27.01 0.26 -27.70
CA ILE A 206 26.23 1.08 -26.77
C ILE A 206 26.97 1.26 -25.47
N ARG A 207 27.08 2.50 -25.00
CA ARG A 207 27.55 2.74 -23.65
C ARG A 207 26.44 2.39 -22.61
N CYS A 208 26.70 1.39 -21.77
CA CYS A 208 25.78 1.00 -20.69
C CYS A 208 26.36 1.44 -19.35
N VAL A 209 25.57 2.15 -18.54
CA VAL A 209 25.91 2.43 -17.13
C VAL A 209 24.96 1.55 -16.32
N LEU A 210 25.51 0.72 -15.46
CA LEU A 210 24.72 -0.31 -14.78
C LEU A 210 24.65 -0.02 -13.30
N PHE A 211 23.43 0.21 -12.85
CA PHE A 211 23.14 0.21 -11.43
C PHE A 211 22.70 -1.19 -11.03
N SER A 212 23.65 -1.96 -10.54
CA SER A 212 23.39 -3.31 -10.10
C SER A 212 23.19 -3.25 -8.60
N LEU A 213 22.97 -4.41 -8.00
CA LEU A 213 22.67 -4.50 -6.58
C LEU A 213 23.86 -4.00 -5.74
N ASP A 214 25.06 -4.13 -6.28
CA ASP A 214 26.25 -3.60 -5.63
C ASP A 214 26.03 -2.16 -5.13
N ALA A 215 25.50 -1.30 -6.01
CA ALA A 215 25.17 0.10 -5.66
C ALA A 215 23.83 0.24 -4.95
N THR A 216 22.78 -0.43 -5.46
CA THR A 216 21.42 -0.20 -4.96
C THR A 216 21.26 -0.70 -3.54
N ASN A 217 22.08 -1.64 -3.10
CA ASN A 217 22.01 -2.10 -1.70
C ASN A 217 22.25 -0.95 -0.68
N THR A 218 22.85 0.14 -1.11
CA THR A 218 23.05 1.36 -0.31
C THR A 218 21.80 2.16 0.02
N VAL A 219 20.73 1.98 -0.73
CA VAL A 219 19.56 2.85 -0.56
C VAL A 219 18.27 2.07 -0.21
N PRO A 220 18.25 1.39 0.96
CA PRO A 220 17.03 0.71 1.38
C PRO A 220 15.99 1.75 1.77
N VAL A 221 14.72 1.42 1.55
CA VAL A 221 13.64 2.37 1.86
C VAL A 221 13.24 2.07 3.31
N ARG A 222 13.50 3.00 4.21
CA ARG A 222 13.33 2.74 5.62
C ARG A 222 12.39 3.74 6.21
N SER A 223 11.61 3.28 7.17
CA SER A 223 10.60 4.12 7.83
C SER A 223 11.14 5.44 8.30
N VAL A 224 12.33 5.46 8.89
CA VAL A 224 12.84 6.69 9.54
C VAL A 224 13.03 7.79 8.51
N ASP A 225 13.44 7.43 7.30
CA ASP A 225 13.53 8.40 6.18
C ASP A 225 12.19 8.75 5.54
N VAL A 226 11.39 7.71 5.25
CA VAL A 226 10.07 7.87 4.62
C VAL A 226 9.17 8.84 5.42
N LYS A 227 9.28 8.83 6.73
CA LYS A 227 8.45 9.67 7.57
C LYS A 227 8.69 11.16 7.28
N GLY A 228 9.87 11.50 6.76
CA GLY A 228 10.15 12.88 6.26
C GLY A 228 9.16 13.47 5.28
N PHE A 229 8.48 12.65 4.48
CA PHE A 229 7.55 13.19 3.48
C PHE A 229 6.35 13.87 4.10
N GLY A 230 6.07 13.53 5.34
CA GLY A 230 4.96 14.15 6.03
C GLY A 230 5.06 15.66 6.13
N ALA A 231 6.27 16.13 6.42
CA ALA A 231 6.59 17.56 6.41
C ALA A 231 6.32 18.26 5.08
N GLN A 232 6.20 17.47 3.99
CA GLN A 232 5.96 17.99 2.62
C GLN A 232 4.63 17.55 2.00
N ASN A 233 3.66 17.11 2.82
CA ASN A 233 2.41 16.50 2.33
C ASN A 233 1.58 17.48 1.51
N GLN A 234 1.83 18.78 1.66
CA GLN A 234 1.18 19.81 0.82
C GLN A 234 1.57 19.75 -0.70
N TYR A 235 2.69 19.12 -1.05
CA TYR A 235 3.11 18.99 -2.44
C TYR A 235 2.61 17.67 -2.96
N LEU A 236 2.00 17.68 -4.14
CA LEU A 236 1.49 16.44 -4.68
C LEU A 236 2.57 15.37 -4.82
N LEU A 237 3.79 15.77 -5.18
CA LEU A 237 4.83 14.79 -5.47
C LEU A 237 5.36 14.07 -4.23
N SER A 238 5.32 14.74 -3.09
CA SER A 238 5.62 14.12 -1.82
C SER A 238 4.49 13.15 -1.38
N GLN A 239 3.23 13.48 -1.66
CA GLN A 239 2.18 12.50 -1.44
C GLN A 239 2.41 11.25 -2.28
N MET A 240 2.76 11.41 -3.55
CA MET A 240 3.01 10.24 -4.42
C MET A 240 4.17 9.43 -3.90
N VAL A 241 5.31 10.07 -3.79
CA VAL A 241 6.53 9.35 -3.45
C VAL A 241 6.54 8.87 -1.99
N GLY A 242 6.04 9.69 -1.07
CA GLY A 242 5.91 9.26 0.33
C GLY A 242 5.04 8.00 0.40
N THR A 243 3.94 7.98 -0.36
CA THR A 243 3.04 6.82 -0.37
C THR A 243 3.67 5.63 -1.05
N MET A 244 4.32 5.85 -2.18
CA MET A 244 5.00 4.78 -2.87
C MET A 244 6.00 4.11 -1.99
N TRP A 245 6.79 4.89 -1.26
CA TRP A 245 7.75 4.30 -0.34
C TRP A 245 7.10 3.65 0.91
N ALA A 246 6.09 4.30 1.48
CA ALA A 246 5.41 3.84 2.69
C ALA A 246 4.65 2.53 2.45
N MET A 247 4.27 2.30 1.19
CA MET A 247 3.75 1.01 0.76
C MET A 247 4.76 -0.13 0.79
N SER A 248 6.04 0.14 1.03
CA SER A 248 7.11 -0.87 0.87
C SER A 248 8.08 -1.00 2.07
N THR A 249 7.91 -0.16 3.09
CA THR A 249 8.83 -0.09 4.23
C THR A 249 8.76 -1.33 5.11
N HIS A 250 7.68 -2.10 5.01
CA HIS A 250 7.54 -3.33 5.78
C HIS A 250 8.27 -4.52 5.17
N GLU A 251 8.71 -4.42 3.92
CA GLU A 251 9.20 -5.62 3.18
C GLU A 251 10.48 -6.21 3.78
N GLU A 252 11.31 -5.35 4.34
CA GLU A 252 12.54 -5.75 5.03
C GLU A 252 12.25 -6.69 6.22
N ILE A 253 11.15 -6.46 6.94
CA ILE A 253 10.69 -7.37 8.01
C ILE A 253 10.05 -8.64 7.41
N LEU A 254 9.14 -8.41 6.45
CA LEU A 254 8.37 -9.47 5.81
C LEU A 254 9.26 -10.56 5.20
N ARG A 255 10.33 -10.17 4.54
CA ARG A 255 11.21 -11.10 3.86
C ARG A 255 12.57 -11.18 4.56
N ASP A 256 12.59 -10.91 5.86
CA ASP A 256 13.71 -11.22 6.70
C ASP A 256 15.04 -10.68 6.19
N GLY A 257 15.07 -9.37 5.98
CA GLY A 257 16.26 -8.70 5.53
C GLY A 257 16.34 -8.45 4.04
N ASP A 258 15.54 -9.17 3.23
CA ASP A 258 15.52 -8.94 1.77
C ASP A 258 14.65 -7.71 1.45
N ALA A 259 15.24 -6.53 1.64
CA ALA A 259 14.52 -5.26 1.71
C ALA A 259 13.96 -4.77 0.40
N TYR A 260 13.01 -3.82 0.48
CA TYR A 260 12.65 -2.98 -0.68
C TYR A 260 13.71 -1.85 -0.74
N TYR A 261 14.26 -1.61 -1.95
CA TYR A 261 15.26 -0.59 -2.16
C TYR A 261 14.77 0.46 -3.15
N ALA A 262 15.49 1.57 -3.23
CA ALA A 262 15.13 2.66 -4.15
C ALA A 262 15.82 2.41 -5.49
N TRP A 263 15.71 1.18 -6.00
CA TRP A 263 16.58 0.64 -7.04
C TRP A 263 16.55 1.54 -8.26
N ASP A 264 15.37 1.65 -8.85
CA ASP A 264 15.16 2.37 -10.06
C ASP A 264 15.31 3.88 -9.84
N ALA A 265 14.93 4.37 -8.67
CA ALA A 265 15.01 5.80 -8.35
C ALA A 265 16.47 6.32 -8.33
N LEU A 266 17.36 5.49 -7.77
CA LEU A 266 18.80 5.79 -7.75
C LEU A 266 19.36 5.80 -9.15
N THR A 267 18.90 4.86 -10.00
CA THR A 267 19.30 4.78 -11.40
C THR A 267 19.03 6.10 -12.16
N ALA A 268 17.79 6.60 -12.03
CA ALA A 268 17.39 7.88 -12.59
C ALA A 268 18.16 9.05 -11.93
N ALA A 269 18.49 8.91 -10.65
CA ALA A 269 19.21 9.95 -9.93
C ALA A 269 20.57 10.22 -10.53
N TYR A 270 21.18 9.17 -11.05
CA TYR A 270 22.48 9.27 -11.74
C TYR A 270 22.39 10.20 -12.95
N ILE A 271 21.29 10.14 -13.70
CA ILE A 271 21.06 10.98 -14.87
C ILE A 271 20.99 12.43 -14.44
N LEU A 272 20.39 12.65 -13.27
CA LEU A 272 20.26 13.99 -12.67
C LEU A 272 21.55 14.53 -12.08
N GLU A 273 22.36 13.62 -11.53
CA GLU A 273 23.54 14.00 -10.78
C GLU A 273 24.63 12.94 -10.97
N PRO A 274 25.45 13.09 -12.05
CA PRO A 274 26.43 12.08 -12.39
C PRO A 274 27.52 11.86 -11.33
N THR A 275 27.71 12.80 -10.40
CA THR A 275 28.69 12.61 -9.32
C THR A 275 28.10 11.84 -8.14
N ILE A 276 26.85 11.38 -8.26
CA ILE A 276 26.26 10.60 -7.17
C ILE A 276 27.00 9.23 -6.97
N ALA A 277 27.68 8.75 -8.01
CA ALA A 277 28.43 7.50 -7.92
C ALA A 277 29.63 7.56 -8.86
N THR A 278 30.58 6.68 -8.63
CA THR A 278 31.71 6.49 -9.54
C THR A 278 31.46 5.24 -10.37
N LEU A 279 32.15 5.13 -11.48
CA LEU A 279 31.95 4.03 -12.42
C LEU A 279 33.18 3.12 -12.56
N GLU A 280 32.98 1.82 -12.55
CA GLU A 280 34.07 0.87 -12.81
C GLU A 280 33.76 0.09 -14.08
N PRO A 281 34.70 0.06 -15.05
CA PRO A 281 34.48 -0.75 -16.26
C PRO A 281 34.59 -2.24 -16.00
N VAL A 282 33.62 -3.02 -16.45
CA VAL A 282 33.59 -4.45 -16.15
C VAL A 282 33.03 -5.24 -17.31
N ALA A 283 33.75 -6.29 -17.69
CA ALA A 283 33.28 -7.23 -18.72
C ALA A 283 32.43 -8.24 -18.00
N LEU A 284 31.26 -8.55 -18.57
CA LEU A 284 30.29 -9.44 -17.91
C LEU A 284 29.93 -10.65 -18.78
N ASP A 285 29.76 -11.79 -18.12
CA ASP A 285 29.37 -13.04 -18.78
C ASP A 285 27.93 -13.35 -18.30
N VAL A 286 26.92 -12.81 -18.98
CA VAL A 286 25.50 -12.96 -18.58
C VAL A 286 25.00 -14.38 -18.78
N ASP A 287 24.49 -14.97 -17.72
CA ASP A 287 24.17 -16.39 -17.75
C ASP A 287 22.76 -16.60 -18.31
N VAL A 288 22.65 -17.33 -19.43
CA VAL A 288 21.34 -17.59 -20.05
C VAL A 288 20.86 -19.05 -19.93
N SER A 289 21.58 -19.83 -19.13
CA SER A 289 21.26 -21.23 -18.92
C SER A 289 19.92 -21.34 -18.22
N LYS A 290 19.44 -22.56 -18.01
CA LYS A 290 18.12 -22.78 -17.41
C LYS A 290 18.25 -23.44 -16.07
N GLY A 291 19.41 -23.27 -15.44
CA GLY A 291 19.67 -23.83 -14.12
C GLY A 291 19.65 -22.83 -12.97
N LYS A 292 20.25 -23.26 -11.87
CA LYS A 292 20.34 -22.45 -10.67
C LYS A 292 20.86 -21.03 -10.92
N SER A 293 21.80 -20.88 -11.85
CA SER A 293 22.46 -19.60 -12.03
C SER A 293 21.90 -18.77 -13.19
N GLU A 294 20.73 -19.15 -13.70
CA GLU A 294 20.04 -18.38 -14.76
C GLU A 294 19.88 -16.91 -14.37
N GLY A 295 20.41 -16.02 -15.22
CA GLY A 295 20.29 -14.56 -15.02
C GLY A 295 21.43 -13.89 -14.26
N ARG A 296 22.42 -14.67 -13.84
CA ARG A 296 23.55 -14.11 -13.12
C ARG A 296 24.38 -13.24 -14.05
N THR A 297 24.94 -12.18 -13.49
CA THR A 297 25.84 -11.30 -14.22
C THR A 297 27.22 -11.28 -13.56
N PRO A 298 27.95 -12.42 -13.65
CA PRO A 298 29.33 -12.45 -13.12
C PRO A 298 30.34 -11.69 -13.96
N ARG A 299 31.43 -11.28 -13.31
CA ARG A 299 32.60 -10.83 -14.05
C ARG A 299 33.02 -11.92 -15.04
N ALA A 300 33.39 -11.52 -16.26
CA ALA A 300 33.89 -12.45 -17.26
C ALA A 300 35.36 -12.81 -17.01
N SER A 301 35.72 -14.04 -17.40
CA SER A 301 37.11 -14.51 -17.46
C SER A 301 37.98 -13.63 -18.35
N GLY A 304 38.68 -9.89 -21.25
CA GLY A 304 37.62 -9.29 -22.08
C GLY A 304 37.53 -7.77 -22.01
N LYS A 305 36.99 -7.16 -23.06
CA LYS A 305 36.74 -5.71 -23.09
C LYS A 305 35.52 -5.40 -22.20
N PRO A 306 35.50 -4.22 -21.53
CA PRO A 306 34.32 -3.82 -20.72
C PRO A 306 32.98 -3.99 -21.44
N CYS A 307 32.00 -4.59 -20.76
CA CYS A 307 30.61 -4.59 -21.19
C CYS A 307 29.93 -3.32 -20.68
N VAL A 308 30.04 -3.10 -19.36
CA VAL A 308 29.30 -2.04 -18.71
C VAL A 308 30.15 -1.22 -17.76
N HIS A 309 29.64 -0.06 -17.40
CA HIS A 309 30.28 0.78 -16.40
C HIS A 309 29.42 0.71 -15.17
N VAL A 310 29.92 -0.04 -14.18
CA VAL A 310 29.16 -0.37 -12.98
C VAL A 310 29.26 0.73 -11.94
N ALA A 311 28.10 1.21 -11.50
CA ALA A 311 28.01 2.20 -10.45
C ALA A 311 28.58 1.64 -9.14
N ARG A 312 29.38 2.47 -8.46
CA ARG A 312 29.99 2.11 -7.18
C ARG A 312 29.79 3.21 -6.13
N ASN A 313 29.60 2.79 -4.88
CA ASN A 313 29.60 3.66 -3.70
C ASN A 313 28.78 4.93 -3.92
N PRO A 314 27.48 4.75 -4.18
CA PRO A 314 26.59 5.86 -4.41
C PRO A 314 26.43 6.68 -3.15
N SER A 315 26.26 7.98 -3.29
CA SER A 315 26.08 8.87 -2.14
C SER A 315 24.64 8.79 -1.61
N LYS A 316 24.51 8.22 -0.41
CA LYS A 316 23.23 8.14 0.25
C LYS A 316 22.65 9.54 0.51
N GLN A 317 23.52 10.47 0.93
CA GLN A 317 23.10 11.84 1.28
C GLN A 317 22.65 12.64 0.05
N MET A 318 23.41 12.54 -1.05
CA MET A 318 23.02 13.20 -2.31
C MET A 318 21.70 12.65 -2.82
N PHE A 319 21.51 11.35 -2.74
CA PHE A 319 20.24 10.73 -3.14
C PHE A 319 19.08 11.31 -2.34
N HIS A 320 19.20 11.30 -1.02
CA HIS A 320 18.21 11.88 -0.13
C HIS A 320 17.90 13.35 -0.49
N ASP A 321 18.93 14.18 -0.64
CA ASP A 321 18.71 15.60 -0.90
C ASP A 321 17.98 15.76 -2.26
N LEU A 322 18.38 15.01 -3.27
CA LEU A 322 17.69 15.08 -4.58
C LEU A 322 16.21 14.63 -4.55
N VAL A 323 15.95 13.53 -3.86
CA VAL A 323 14.57 13.03 -3.72
C VAL A 323 13.67 14.03 -2.96
N PHE A 324 14.16 14.57 -1.85
CA PHE A 324 13.37 15.52 -1.06
C PHE A 324 13.23 16.90 -1.73
N ALA A 325 14.30 17.36 -2.40
CA ALA A 325 14.18 18.55 -3.26
C ALA A 325 13.21 18.32 -4.42
N SER A 326 13.31 17.19 -5.10
CA SER A 326 12.45 16.98 -6.27
C SER A 326 10.98 16.90 -5.88
N THR A 327 10.70 16.30 -4.73
CA THR A 327 9.33 16.08 -4.31
C THR A 327 8.68 17.34 -3.72
N ARG A 328 9.42 18.44 -3.64
CA ARG A 328 8.87 19.75 -3.27
C ARG A 328 8.59 20.59 -4.53
N VAL A 329 8.77 20.02 -5.72
CA VAL A 329 8.61 20.80 -6.96
C VAL A 329 7.15 21.15 -7.18
N CYS A 330 6.25 20.23 -6.86
CA CYS A 330 4.82 20.51 -6.93
C CYS A 330 4.03 19.43 -6.22
N GLY B 1 -33.00 15.42 22.08
CA GLY B 1 -33.24 13.99 21.71
C GLY B 1 -32.78 13.69 20.30
N SER B 2 -31.55 14.10 20.00
CA SER B 2 -31.03 14.23 18.61
C SER B 2 -29.71 15.03 18.54
N HIS B 3 -29.57 16.02 19.44
CA HIS B 3 -28.34 16.82 19.60
C HIS B 3 -27.26 16.27 20.57
N MET B 4 -27.52 15.17 21.28
CA MET B 4 -26.52 14.59 22.18
C MET B 4 -25.82 13.41 21.50
N ALA B 5 -24.50 13.47 21.38
CA ALA B 5 -23.70 12.37 20.83
C ALA B 5 -23.72 11.10 21.73
N LYS B 6 -23.64 9.91 21.10
CA LYS B 6 -23.39 8.65 21.80
C LYS B 6 -21.96 8.57 22.30
N THR B 7 -21.75 8.08 23.52
CA THR B 7 -20.41 7.80 24.02
C THR B 7 -19.98 6.47 23.44
N VAL B 8 -18.82 6.43 22.78
CA VAL B 8 -18.36 5.25 22.04
C VAL B 8 -16.89 4.96 22.36
N ILE B 9 -16.55 3.68 22.43
CA ILE B 9 -15.16 3.22 22.53
C ILE B 9 -14.93 2.31 21.32
N LEU B 10 -13.80 2.47 20.65
CA LEU B 10 -13.44 1.59 19.53
C LEU B 10 -12.38 0.65 20.02
N ASP B 11 -12.69 -0.65 19.94
CA ASP B 11 -11.87 -1.74 20.41
C ASP B 11 -11.44 -2.40 19.07
N HIS B 12 -10.22 -2.13 18.60
CA HIS B 12 -9.84 -2.51 17.22
C HIS B 12 -8.56 -3.27 17.19
N ASP B 13 -8.23 -3.78 15.99
CA ASP B 13 -6.95 -4.40 15.81
C ASP B 13 -6.12 -3.94 14.60
N GLY B 14 -6.36 -2.70 14.17
CA GLY B 14 -5.32 -1.91 13.52
C GLY B 14 -4.99 -2.22 12.08
N ASN B 15 -5.94 -2.76 11.32
CA ASN B 15 -5.75 -2.96 9.89
C ASN B 15 -6.44 -1.83 9.23
N LYS B 16 -6.42 -1.79 7.90
CA LYS B 16 -6.84 -0.60 7.16
C LYS B 16 -8.32 -0.34 7.40
N ASP B 17 -9.07 -1.41 7.43
CA ASP B 17 -10.49 -1.25 7.62
CA ASP B 17 -10.49 -1.32 7.65
C ASP B 17 -10.83 -0.81 9.06
N ASP B 18 -10.05 -1.25 10.05
CA ASP B 18 -10.21 -0.73 11.41
C ASP B 18 -10.05 0.78 11.46
N PHE B 19 -9.06 1.30 10.76
CA PHE B 19 -8.81 2.73 10.79
C PHE B 19 -9.79 3.51 9.98
N VAL B 20 -10.31 2.92 8.90
CA VAL B 20 -11.45 3.56 8.23
C VAL B 20 -12.65 3.62 9.17
N ALA B 21 -12.88 2.57 9.93
CA ALA B 21 -13.94 2.60 10.98
C ALA B 21 -13.67 3.73 11.98
N MET B 22 -12.41 3.88 12.42
CA MET B 22 -12.02 4.89 13.40
C MET B 22 -12.28 6.28 12.86
N ILE B 23 -11.94 6.47 11.59
CA ILE B 23 -12.13 7.75 10.95
C ILE B 23 -13.61 8.06 10.78
N LEU B 24 -14.43 7.06 10.43
CA LEU B 24 -15.88 7.34 10.34
C LEU B 24 -16.51 7.75 11.68
N LEU B 25 -16.11 7.09 12.76
CA LEU B 25 -16.59 7.45 14.11
C LEU B 25 -16.11 8.85 14.55
N LEU B 26 -14.81 9.10 14.42
CA LEU B 26 -14.19 10.33 14.88
C LEU B 26 -14.55 11.56 14.02
N SER B 27 -14.85 11.34 12.75
CA SER B 27 -15.20 12.43 11.86
C SER B 27 -16.63 12.94 12.08
N ASN B 28 -17.38 12.28 12.99
CA ASN B 28 -18.81 12.60 13.15
C ASN B 28 -19.18 12.95 14.60
N PRO B 29 -18.60 14.02 15.14
CA PRO B 29 -18.74 14.31 16.56
C PRO B 29 -20.15 14.65 17.01
N LYS B 30 -20.98 15.15 16.09
CA LYS B 30 -22.37 15.34 16.41
C LYS B 30 -23.06 14.04 16.82
N LYS B 31 -22.62 12.93 16.22
CA LYS B 31 -23.21 11.62 16.48
C LYS B 31 -22.41 10.81 17.48
N VAL B 32 -21.10 11.04 17.54
CA VAL B 32 -20.21 10.20 18.31
C VAL B 32 -19.17 11.00 19.09
N ASN B 33 -19.16 10.78 20.39
CA ASN B 33 -18.13 11.27 21.29
C ASN B 33 -17.25 10.06 21.54
N LEU B 34 -16.08 10.03 20.90
CA LEU B 34 -15.16 8.90 21.01
C LEU B 34 -14.27 9.13 22.22
N ILE B 35 -14.52 8.34 23.25
CA ILE B 35 -13.88 8.57 24.54
C ILE B 35 -12.67 7.68 24.77
N GLY B 36 -12.37 6.78 23.83
CA GLY B 36 -11.18 5.95 23.93
C GLY B 36 -11.05 4.91 22.84
N CYS B 37 -9.84 4.38 22.65
CA CYS B 37 -9.63 3.31 21.72
C CYS B 37 -8.75 2.29 22.39
N ILE B 38 -9.01 1.04 22.03
CA ILE B 38 -8.18 -0.09 22.40
C ILE B 38 -7.57 -0.63 21.12
N CYS B 39 -6.30 -1.03 21.15
CA CYS B 39 -5.71 -1.76 20.03
C CYS B 39 -5.20 -3.13 20.49
N THR B 40 -5.51 -4.14 19.70
CA THR B 40 -5.09 -5.49 19.98
C THR B 40 -4.07 -6.01 18.94
N ASP B 41 -3.09 -6.77 19.41
CA ASP B 41 -1.99 -7.38 18.62
C ASP B 41 -2.45 -8.59 17.78
N ALA B 42 -3.55 -8.41 17.08
CA ALA B 42 -4.18 -9.50 16.31
C ALA B 42 -3.88 -9.22 14.82
N ASP B 43 -4.70 -8.42 14.17
CA ASP B 43 -4.49 -8.16 12.73
C ASP B 43 -3.54 -6.95 12.47
N CYS B 44 -2.63 -6.73 13.43
CA CYS B 44 -1.57 -5.72 13.30
C CYS B 44 -0.45 -6.11 14.24
N PHE B 45 0.65 -5.36 14.18
CA PHE B 45 1.60 -5.40 15.24
C PHE B 45 1.26 -4.20 16.13
N VAL B 46 0.98 -4.49 17.41
CA VAL B 46 0.24 -3.55 18.27
C VAL B 46 0.92 -2.17 18.38
N GLU B 47 2.23 -2.14 18.35
CA GLU B 47 2.92 -0.88 18.41
C GLU B 47 2.61 0.00 17.20
N ASN B 48 2.50 -0.61 16.02
CA ASN B 48 2.12 0.13 14.82
C ASN B 48 0.69 0.65 14.91
N GLY B 49 -0.24 -0.25 15.26
CA GLY B 49 -1.67 0.13 15.45
C GLY B 49 -1.87 1.22 16.48
N PHE B 50 -1.10 1.12 17.55
CA PHE B 50 -1.07 2.11 18.63
C PHE B 50 -0.64 3.47 18.08
N ASP B 51 0.47 3.52 17.35
CA ASP B 51 0.95 4.79 16.80
C ASP B 51 -0.04 5.33 15.80
N VAL B 52 -0.60 4.48 14.94
CA VAL B 52 -1.54 5.01 13.94
C VAL B 52 -2.82 5.58 14.64
N THR B 53 -3.36 4.88 15.63
CA THR B 53 -4.49 5.40 16.41
C THR B 53 -4.18 6.78 16.98
N GLY B 54 -3.03 6.91 17.62
CA GLY B 54 -2.57 8.19 18.20
C GLY B 54 -2.45 9.31 17.17
N LYS B 55 -1.87 9.00 16.00
CA LYS B 55 -1.71 10.07 15.01
C LYS B 55 -3.02 10.46 14.32
N ILE B 56 -3.93 9.51 14.08
CA ILE B 56 -5.28 9.89 13.58
C ILE B 56 -6.00 10.76 14.60
N MET B 57 -5.92 10.35 15.85
CA MET B 57 -6.52 11.15 16.96
C MET B 57 -5.98 12.57 16.89
N CYS B 58 -4.67 12.72 16.75
CA CYS B 58 -4.05 14.05 16.82
C CYS B 58 -4.41 14.90 15.60
N ALA B 59 -4.48 14.31 14.39
CA ALA B 59 -4.85 15.02 13.14
C ALA B 59 -6.27 15.54 13.22
N MET B 60 -7.20 14.69 13.63
CA MET B 60 -8.60 15.14 13.76
C MET B 60 -8.72 16.24 14.85
N HIS B 61 -8.00 16.08 15.94
CA HIS B 61 -8.05 17.07 16.97
C HIS B 61 -7.55 18.38 16.43
N ARG B 62 -6.46 18.34 15.67
CA ARG B 62 -5.90 19.57 15.03
C ARG B 62 -6.90 20.21 14.10
N LEU B 63 -7.54 19.42 13.22
CA LEU B 63 -8.33 19.98 12.12
C LEU B 63 -9.75 20.38 12.53
N ILE B 64 -10.43 19.56 13.32
CA ILE B 64 -11.83 19.85 13.73
C ILE B 64 -12.05 19.82 15.28
N LYS B 65 -10.96 19.77 16.04
CA LYS B 65 -11.00 19.91 17.51
C LYS B 65 -11.85 18.82 18.20
N THR B 66 -11.87 17.60 17.65
CA THR B 66 -12.44 16.43 18.35
C THR B 66 -11.55 16.20 19.58
N PRO B 67 -12.13 15.73 20.68
CA PRO B 67 -11.26 15.57 21.84
C PRO B 67 -10.15 14.55 21.64
N LEU B 68 -9.10 14.71 22.43
CA LEU B 68 -8.10 13.70 22.65
C LEU B 68 -8.75 12.66 23.53
N PHE B 69 -8.21 11.45 23.56
CA PHE B 69 -8.76 10.40 24.42
C PHE B 69 -7.68 9.40 24.74
N PRO B 70 -7.85 8.64 25.83
CA PRO B 70 -6.96 7.55 26.18
C PRO B 70 -6.88 6.47 25.12
N ILE B 71 -5.69 5.93 24.91
CA ILE B 71 -5.47 4.81 24.00
C ILE B 71 -4.64 3.78 24.72
N GLY B 72 -5.03 2.53 24.57
CA GLY B 72 -4.46 1.47 25.36
C GLY B 72 -4.17 0.24 24.53
N LYS B 73 -2.95 -0.26 24.68
CA LYS B 73 -2.53 -1.50 24.02
C LYS B 73 -2.98 -2.68 24.88
N SER B 74 -3.86 -3.51 24.31
CA SER B 74 -4.26 -4.72 24.97
C SER B 74 -3.10 -5.70 25.05
N THR B 75 -3.08 -6.49 26.13
CA THR B 75 -2.09 -7.54 26.27
C THR B 75 -2.73 -8.89 25.93
N ALA B 76 -3.93 -8.88 25.36
CA ALA B 76 -4.56 -10.14 24.92
C ALA B 76 -3.64 -10.87 23.97
N THR B 77 -3.62 -12.20 24.08
CA THR B 77 -2.79 -13.04 23.23
C THR B 77 -3.66 -13.98 22.34
N ALA B 78 -3.15 -14.31 21.17
CA ALA B 78 -3.93 -15.04 20.18
C ALA B 78 -4.14 -16.45 20.67
N VAL B 79 -5.27 -17.02 20.29
CA VAL B 79 -5.47 -18.47 20.33
C VAL B 79 -4.95 -18.99 18.99
N ASN B 80 -5.31 -18.32 17.90
CA ASN B 80 -4.81 -18.58 16.55
C ASN B 80 -4.45 -17.24 15.93
N ALA B 81 -3.21 -17.10 15.43
CA ALA B 81 -2.70 -15.84 14.88
C ALA B 81 -3.15 -15.47 13.45
N PHE B 82 -3.38 -14.18 13.21
CA PHE B 82 -3.56 -13.66 11.85
C PHE B 82 -2.33 -13.98 10.95
N PRO B 83 -2.55 -14.07 9.65
CA PRO B 83 -1.45 -14.19 8.70
C PRO B 83 -0.53 -12.96 8.85
N THR B 84 0.74 -13.20 9.10
CA THR B 84 1.71 -12.12 9.31
C THR B 84 1.70 -11.03 8.23
N GLU B 85 1.54 -11.42 6.99
CA GLU B 85 1.57 -10.45 5.88
C GLU B 85 0.50 -9.35 6.04
N TRP B 86 -0.67 -9.74 6.52
CA TRP B 86 -1.77 -8.79 6.67
C TRP B 86 -1.52 -7.78 7.79
N ARG B 87 -0.78 -8.24 8.79
CA ARG B 87 -0.54 -7.49 10.02
C ARG B 87 0.43 -6.35 9.87
N PHE B 88 1.08 -6.24 8.68
CA PHE B 88 2.01 -5.15 8.45
C PHE B 88 1.38 -3.87 8.00
N SER B 89 0.10 -3.87 7.66
CA SER B 89 -0.51 -2.71 7.09
C SER B 89 -0.45 -1.46 8.02
N ALA B 90 -0.50 -1.66 9.35
CA ALA B 90 -0.39 -0.52 10.27
C ALA B 90 1.01 0.14 10.23
N LYS B 91 2.06 -0.63 9.93
CA LYS B 91 3.38 -0.06 9.72
C LYS B 91 3.43 0.81 8.44
N ASN B 92 2.88 0.31 7.33
CA ASN B 92 2.75 1.14 6.15
C ASN B 92 2.01 2.44 6.47
N LEU B 93 0.93 2.38 7.26
CA LEU B 93 0.15 3.61 7.49
C LEU B 93 0.94 4.58 8.34
N ASP B 94 1.63 4.06 9.33
CA ASP B 94 2.55 4.83 10.22
C ASP B 94 3.55 5.68 9.38
N ASP B 95 3.94 5.18 8.21
CA ASP B 95 4.96 5.85 7.39
C ASP B 95 4.35 6.77 6.35
N MET B 96 3.01 6.79 6.23
CA MET B 96 2.38 7.57 5.17
C MET B 96 2.51 9.06 5.48
N PRO B 97 2.64 9.87 4.42
CA PRO B 97 2.80 11.29 4.58
C PRO B 97 1.61 11.95 5.31
N PHE B 98 0.41 11.43 5.13
CA PHE B 98 -0.75 11.97 5.78
C PHE B 98 -0.79 11.70 7.30
N LEU B 99 0.04 10.78 7.77
CA LEU B 99 0.15 10.49 9.20
C LEU B 99 1.51 10.90 9.72
N ASN B 100 2.16 11.82 9.04
CA ASN B 100 3.42 12.33 9.52
C ASN B 100 3.48 13.86 9.37
N ILE B 101 2.32 14.50 9.42
CA ILE B 101 2.25 15.95 9.46
C ILE B 101 2.87 16.39 10.81
N VAL B 102 3.76 17.37 10.75
CA VAL B 102 4.75 17.58 11.80
C VAL B 102 4.10 17.92 13.14
N GLU B 103 3.07 18.74 13.08
CA GLU B 103 2.29 19.12 14.26
C GLU B 103 1.63 17.87 14.93
N ASP B 104 1.20 16.92 14.11
CA ASP B 104 0.56 15.69 14.58
C ASP B 104 1.56 14.78 15.24
N VAL B 105 2.72 14.61 14.63
CA VAL B 105 3.79 13.82 15.20
C VAL B 105 4.23 14.39 16.55
N ALA B 106 4.35 15.72 16.62
CA ALA B 106 4.79 16.40 17.87
C ALA B 106 3.80 16.13 19.01
N LEU B 107 2.51 16.35 18.77
CA LEU B 107 1.50 16.13 19.76
C LEU B 107 1.48 14.65 20.20
N TRP B 108 1.46 13.71 19.25
CA TRP B 108 1.45 12.30 19.60
C TRP B 108 2.66 11.92 20.44
N GLU B 109 3.84 12.45 20.14
CA GLU B 109 5.01 12.12 20.94
C GLU B 109 4.91 12.67 22.36
N LYS B 110 4.25 13.82 22.53
CA LYS B 110 3.94 14.35 23.86
C LYS B 110 2.95 13.43 24.60
N LEU B 111 1.92 12.92 23.89
CA LEU B 111 0.86 12.09 24.55
C LEU B 111 1.19 10.61 24.69
N LYS B 112 2.18 10.12 23.94
CA LYS B 112 2.43 8.67 23.90
C LYS B 112 2.82 8.10 25.27
N PRO B 113 3.76 8.74 26.01
CA PRO B 113 4.17 8.08 27.25
C PRO B 113 3.02 7.87 28.25
N GLU B 114 2.11 8.81 28.39
CA GLU B 114 0.94 8.56 29.22
C GLU B 114 0.07 7.38 28.75
N ASN B 115 -0.05 7.19 27.43
CA ASN B 115 -0.92 6.11 26.90
C ASN B 115 -0.21 4.77 26.92
N GLU B 116 1.10 4.80 26.71
CA GLU B 116 2.01 3.70 26.99
C GLU B 116 1.74 2.94 28.29
N ALA B 117 1.42 3.71 29.34
CA ALA B 117 1.22 3.19 30.70
C ALA B 117 -0.10 2.38 30.88
N HIS B 118 -1.11 2.67 30.03
CA HIS B 118 -2.37 1.92 30.04
C HIS B 118 -2.23 0.47 29.65
N ASN B 119 -3.08 -0.34 30.25
CA ASN B 119 -3.28 -1.70 29.80
C ASN B 119 -4.62 -1.65 29.13
N GLY B 120 -4.72 -2.23 27.94
CA GLY B 120 -5.90 -1.99 27.14
C GLY B 120 -7.17 -2.60 27.69
N GLN B 121 -7.06 -3.76 28.31
CA GLN B 121 -8.25 -4.43 28.86
C GLN B 121 -8.78 -3.63 30.05
N GLN B 122 -7.88 -3.27 30.97
CA GLN B 122 -8.26 -2.42 32.12
C GLN B 122 -8.81 -1.08 31.64
N LEU B 123 -8.23 -0.50 30.59
CA LEU B 123 -8.75 0.77 30.07
C LEU B 123 -10.19 0.64 29.56
N LEU B 124 -10.51 -0.46 28.86
CA LEU B 124 -11.88 -0.67 28.36
C LEU B 124 -12.83 -0.76 29.55
N ALA B 125 -12.43 -1.55 30.55
CA ALA B 125 -13.22 -1.66 31.82
C ALA B 125 -13.34 -0.31 32.52
N ASP B 126 -12.23 0.40 32.70
CA ASP B 126 -12.30 1.72 33.37
C ASP B 126 -13.14 2.73 32.61
N LEU B 127 -12.94 2.87 31.30
CA LEU B 127 -13.69 3.87 30.51
C LEU B 127 -15.22 3.67 30.55
N VAL B 128 -15.64 2.42 30.45
CA VAL B 128 -17.05 2.05 30.50
C VAL B 128 -17.62 2.33 31.90
N MET B 129 -16.94 1.81 32.90
CA MET B 129 -17.40 1.92 34.28
C MET B 129 -17.37 3.36 34.85
N LYS B 130 -16.41 4.18 34.42
CA LYS B 130 -16.29 5.62 34.82
C LYS B 130 -17.13 6.57 33.96
N SER B 131 -17.67 6.08 32.84
CA SER B 131 -18.51 6.90 31.97
C SER B 131 -19.81 7.31 32.66
N LYS B 132 -20.19 8.57 32.46
CA LYS B 132 -21.43 9.07 33.01
C LYS B 132 -22.61 8.37 32.36
N GLU B 133 -22.57 8.29 31.04
CA GLU B 133 -23.63 7.63 30.27
C GLU B 133 -23.18 6.22 29.91
N LYS B 134 -24.13 5.42 29.45
CA LYS B 134 -23.82 4.12 28.92
C LYS B 134 -22.98 4.26 27.66
N VAL B 135 -22.07 3.30 27.46
CA VAL B 135 -21.17 3.34 26.32
C VAL B 135 -21.43 2.26 25.25
N THR B 136 -21.42 2.66 23.97
CA THR B 136 -21.40 1.72 22.85
C THR B 136 -19.98 1.29 22.59
N VAL B 137 -19.71 -0.01 22.67
CA VAL B 137 -18.41 -0.50 22.32
C VAL B 137 -18.47 -1.10 20.92
N CYS B 138 -17.58 -0.62 20.05
CA CYS B 138 -17.53 -1.06 18.66
C CYS B 138 -16.31 -1.95 18.60
N VAL B 139 -16.49 -3.23 18.30
CA VAL B 139 -15.41 -4.19 18.32
C VAL B 139 -15.12 -4.58 16.89
N THR B 140 -13.93 -4.21 16.40
CA THR B 140 -13.51 -4.57 15.07
C THR B 140 -12.34 -5.52 15.04
N GLY B 141 -11.80 -5.86 16.21
CA GLY B 141 -10.86 -6.96 16.32
C GLY B 141 -11.55 -8.15 16.99
N PRO B 142 -10.76 -9.06 17.54
CA PRO B 142 -11.30 -10.16 18.33
C PRO B 142 -12.03 -9.68 19.59
N LEU B 143 -12.73 -10.62 20.24
CA LEU B 143 -13.58 -10.31 21.38
C LEU B 143 -12.89 -10.52 22.71
N SER B 144 -11.58 -10.71 22.65
CA SER B 144 -10.76 -10.97 23.83
C SER B 144 -10.89 -9.93 24.94
N ASN B 145 -10.97 -8.66 24.57
CA ASN B 145 -11.02 -7.59 25.58
C ASN B 145 -12.39 -7.47 26.28
N MET B 146 -13.44 -7.53 25.47
CA MET B 146 -14.81 -7.64 25.98
C MET B 146 -14.95 -8.84 26.94
N ALA B 147 -14.38 -10.00 26.58
CA ALA B 147 -14.51 -11.20 27.42
C ALA B 147 -13.77 -10.97 28.74
N TRP B 148 -12.59 -10.38 28.66
CA TRP B 148 -11.82 -10.12 29.89
C TRP B 148 -12.61 -9.23 30.83
N CYS B 149 -13.23 -8.19 30.27
CA CYS B 149 -14.05 -7.29 31.06
C CYS B 149 -15.24 -8.00 31.73
N ILE B 150 -15.96 -8.80 30.97
CA ILE B 150 -17.10 -9.56 31.47
C ILE B 150 -16.68 -10.55 32.58
N GLU B 151 -15.55 -11.22 32.38
CA GLU B 151 -15.07 -12.18 33.33
C GLU B 151 -14.73 -11.45 34.62
N LYS B 152 -13.95 -10.35 34.51
CA LYS B 152 -13.46 -9.68 35.69
C LYS B 152 -14.53 -8.97 36.52
N TYR B 153 -15.46 -8.31 35.84
CA TYR B 153 -16.36 -7.34 36.45
C TYR B 153 -17.83 -7.69 36.32
N GLY B 154 -18.15 -8.67 35.48
CA GLY B 154 -19.54 -9.10 35.30
C GLY B 154 -20.45 -7.92 35.08
N GLU B 155 -21.61 -7.93 35.73
CA GLU B 155 -22.64 -6.91 35.47
C GLU B 155 -22.23 -5.46 35.90
N ALA B 156 -21.20 -5.29 36.71
CA ALA B 156 -20.65 -3.93 37.04
C ALA B 156 -20.08 -3.25 35.80
N PHE B 157 -19.65 -4.08 34.84
CA PHE B 157 -19.21 -3.61 33.53
C PHE B 157 -20.37 -3.61 32.51
N THR B 158 -21.02 -4.75 32.36
CA THR B 158 -22.04 -4.88 31.31
C THR B 158 -23.24 -3.98 31.50
N SER B 159 -23.58 -3.62 32.75
CA SER B 159 -24.70 -2.68 32.95
C SER B 159 -24.37 -1.25 32.41
N LYS B 160 -23.09 -0.94 32.26
CA LYS B 160 -22.68 0.36 31.70
C LYS B 160 -22.48 0.37 30.17
N VAL B 161 -22.67 -0.81 29.53
CA VAL B 161 -22.66 -0.96 28.07
C VAL B 161 -24.06 -0.78 27.45
N GLU B 162 -24.19 0.14 26.49
CA GLU B 162 -25.46 0.41 25.80
C GLU B 162 -25.70 -0.74 24.82
N GLU B 163 -24.77 -0.90 23.87
CA GLU B 163 -24.66 -2.08 23.05
C GLU B 163 -23.20 -2.29 22.59
N CYS B 164 -22.94 -3.47 22.09
CA CYS B 164 -21.67 -3.85 21.55
C CYS B 164 -21.91 -4.19 20.09
N VAL B 165 -21.40 -3.36 19.19
CA VAL B 165 -21.52 -3.57 17.76
C VAL B 165 -20.22 -4.18 17.27
N ILE B 166 -20.33 -5.34 16.65
CA ILE B 166 -19.22 -6.27 16.53
C ILE B 166 -19.05 -6.68 15.07
N MET B 167 -17.82 -6.62 14.54
CA MET B 167 -17.48 -7.26 13.25
C MET B 167 -16.98 -8.66 13.59
N GLY B 168 -17.72 -9.66 13.15
CA GLY B 168 -17.26 -11.04 13.33
C GLY B 168 -18.24 -12.13 12.92
N GLY B 169 -17.72 -13.33 12.69
CA GLY B 169 -18.55 -14.53 12.48
C GLY B 169 -19.08 -14.71 11.06
N ALA B 170 -19.69 -15.87 10.83
CA ALA B 170 -20.37 -16.16 9.55
C ALA B 170 -21.49 -17.13 9.90
N VAL B 171 -22.74 -16.71 9.69
CA VAL B 171 -23.94 -17.47 10.14
C VAL B 171 -24.55 -18.34 9.00
N ASP B 172 -25.01 -17.73 7.93
CA ASP B 172 -25.62 -18.46 6.80
C ASP B 172 -24.81 -18.34 5.51
N VAL B 173 -23.51 -18.05 5.66
CA VAL B 173 -22.59 -18.02 4.54
C VAL B 173 -21.29 -18.62 5.02
N GLY B 174 -20.36 -18.81 4.08
CA GLY B 174 -19.07 -19.38 4.39
C GLY B 174 -18.19 -18.43 5.17
N GLY B 175 -17.15 -19.00 5.77
CA GLY B 175 -16.14 -18.24 6.49
C GLY B 175 -15.11 -17.61 5.57
N ASN B 176 -14.04 -17.09 6.18
CA ASN B 176 -12.94 -16.49 5.39
C ASN B 176 -11.58 -16.86 5.98
N VAL B 177 -11.56 -17.89 6.83
CA VAL B 177 -10.34 -18.42 7.39
C VAL B 177 -9.98 -19.68 6.61
N PHE B 178 -9.14 -19.49 5.58
CA PHE B 178 -8.74 -20.58 4.64
C PHE B 178 -7.32 -21.01 4.94
N LEU B 179 -7.19 -22.12 5.65
CA LEU B 179 -5.92 -22.68 6.03
C LEU B 179 -5.97 -24.21 5.87
N PRO B 180 -4.80 -24.84 5.77
CA PRO B 180 -4.79 -26.31 5.61
C PRO B 180 -5.46 -27.03 6.80
N THR B 181 -5.47 -26.38 7.95
CA THR B 181 -6.07 -26.94 9.14
C THR B 181 -7.56 -26.53 9.30
N THR B 182 -8.15 -25.79 8.38
CA THR B 182 -9.55 -25.35 8.58
C THR B 182 -10.45 -25.66 7.42
N ASP B 183 -11.76 -25.70 7.70
CA ASP B 183 -12.76 -26.07 6.73
C ASP B 183 -13.33 -24.88 5.96
N GLY B 184 -12.85 -23.66 6.26
CA GLY B 184 -13.36 -22.48 5.62
C GLY B 184 -14.68 -21.95 6.18
N SER B 185 -15.18 -22.52 7.28
CA SER B 185 -16.48 -22.10 7.84
C SER B 185 -16.40 -20.95 8.89
N ALA B 186 -15.20 -20.68 9.38
CA ALA B 186 -14.96 -19.71 10.44
C ALA B 186 -14.54 -18.37 9.86
N GLU B 187 -14.90 -17.30 10.57
CA GLU B 187 -14.44 -15.94 10.28
C GLU B 187 -13.29 -15.56 11.24
N TRP B 188 -12.37 -14.73 10.74
CA TRP B 188 -11.05 -14.47 11.39
C TRP B 188 -11.10 -13.92 12.84
N ASN B 189 -11.92 -12.90 13.04
CA ASN B 189 -12.08 -12.26 14.36
C ASN B 189 -12.47 -13.28 15.43
N ILE B 190 -13.35 -14.23 15.05
CA ILE B 190 -13.75 -15.31 15.96
C ILE B 190 -12.64 -16.34 16.11
N TYR B 191 -12.06 -16.76 14.97
CA TYR B 191 -10.97 -17.73 14.95
C TYR B 191 -9.80 -17.29 15.87
N TRP B 192 -9.54 -16.00 15.96
CA TRP B 192 -8.44 -15.51 16.80
C TRP B 192 -8.56 -15.90 18.28
N ASP B 193 -9.78 -15.86 18.79
CA ASP B 193 -10.05 -16.24 20.15
C ASP B 193 -11.52 -16.71 20.25
N PRO B 194 -11.77 -18.00 19.90
CA PRO B 194 -13.15 -18.56 19.95
C PRO B 194 -13.81 -18.53 21.32
N PRO B 195 -13.10 -19.01 22.39
CA PRO B 195 -13.65 -18.93 23.73
C PRO B 195 -14.06 -17.49 24.11
N ALA B 196 -13.29 -16.48 23.68
CA ALA B 196 -13.69 -15.09 23.98
C ALA B 196 -15.01 -14.76 23.31
N ALA B 197 -15.11 -15.12 22.02
CA ALA B 197 -16.30 -14.80 21.27
C ALA B 197 -17.50 -15.57 21.83
N LYS B 198 -17.31 -16.81 22.29
CA LYS B 198 -18.42 -17.54 22.93
C LYS B 198 -18.94 -16.82 24.22
N LYS B 199 -18.00 -16.41 25.07
CA LYS B 199 -18.32 -15.67 26.30
C LYS B 199 -19.10 -14.38 26.02
N VAL B 200 -18.69 -13.62 25.01
CA VAL B 200 -19.32 -12.34 24.73
C VAL B 200 -20.62 -12.53 23.97
N LEU B 201 -20.60 -13.32 22.90
CA LEU B 201 -21.70 -13.31 21.93
C LEU B 201 -23.00 -13.79 22.56
N CYS B 202 -22.90 -14.78 23.44
CA CYS B 202 -24.06 -15.31 24.15
C CYS B 202 -24.14 -14.88 25.63
N CYS B 203 -23.45 -13.80 26.00
CA CYS B 203 -23.63 -13.20 27.33
C CYS B 203 -25.03 -12.61 27.33
N PRO B 204 -25.92 -13.11 28.19
CA PRO B 204 -27.30 -12.57 28.16
C PRO B 204 -27.44 -11.08 28.57
N ASN B 205 -26.40 -10.49 29.18
CA ASN B 205 -26.53 -9.16 29.76
C ASN B 205 -26.02 -8.01 28.88
N ILE B 206 -25.72 -8.29 27.61
CA ILE B 206 -25.36 -7.26 26.63
C ILE B 206 -26.18 -7.40 25.36
N ARG B 207 -26.55 -6.28 24.78
CA ARG B 207 -27.11 -6.25 23.45
C ARG B 207 -25.94 -6.32 22.42
N CYS B 208 -25.80 -7.43 21.70
CA CYS B 208 -24.79 -7.54 20.65
C CYS B 208 -25.39 -7.38 19.27
N VAL B 209 -24.98 -6.37 18.53
CA VAL B 209 -25.29 -6.28 17.11
C VAL B 209 -24.08 -6.83 16.34
N LEU B 210 -24.30 -7.83 15.48
CA LEU B 210 -23.20 -8.58 14.84
C LEU B 210 -23.21 -8.37 13.35
N PHE B 211 -22.14 -7.73 12.85
CA PHE B 211 -21.90 -7.60 11.43
C PHE B 211 -21.03 -8.75 11.01
N SER B 212 -21.72 -9.81 10.57
CA SER B 212 -21.09 -11.05 10.19
C SER B 212 -20.80 -11.01 8.69
N LEU B 213 -20.11 -12.02 8.18
CA LEU B 213 -19.81 -12.04 6.75
C LEU B 213 -21.07 -11.97 5.91
N ASP B 214 -22.16 -12.53 6.44
CA ASP B 214 -23.49 -12.45 5.80
C ASP B 214 -23.75 -11.03 5.29
N ALA B 215 -23.47 -10.03 6.11
CA ALA B 215 -23.72 -8.64 5.73
C ALA B 215 -22.49 -8.02 5.05
N THR B 216 -21.30 -8.28 5.56
CA THR B 216 -20.09 -7.55 5.07
C THR B 216 -19.70 -7.93 3.61
N ASN B 217 -20.18 -9.09 3.12
CA ASN B 217 -20.02 -9.46 1.71
C ASN B 217 -20.71 -8.50 0.77
N THR B 218 -21.65 -7.69 1.26
CA THR B 218 -22.41 -6.76 0.42
C THR B 218 -21.62 -5.55 -0.02
N VAL B 219 -20.49 -5.28 0.67
CA VAL B 219 -19.70 -4.07 0.40
C VAL B 219 -18.24 -4.37 0.04
N PRO B 220 -18.01 -5.01 -1.12
CA PRO B 220 -16.63 -5.19 -1.56
C PRO B 220 -15.96 -3.85 -1.79
N VAL B 221 -14.66 -3.76 -1.57
CA VAL B 221 -13.94 -2.51 -1.82
C VAL B 221 -13.30 -2.64 -3.21
N ARG B 222 -13.79 -1.88 -4.18
CA ARG B 222 -13.37 -2.02 -5.57
C ARG B 222 -12.87 -0.72 -6.17
N SER B 223 -12.07 -0.86 -7.23
CA SER B 223 -11.38 0.27 -7.84
C SER B 223 -12.30 1.37 -8.28
N VAL B 224 -13.41 1.01 -8.89
CA VAL B 224 -14.29 2.03 -9.50
C VAL B 224 -14.87 2.95 -8.42
N ASP B 225 -15.09 2.41 -7.23
CA ASP B 225 -15.53 3.20 -6.09
C ASP B 225 -14.37 3.99 -5.46
N VAL B 226 -13.23 3.32 -5.30
CA VAL B 226 -12.05 3.94 -4.66
C VAL B 226 -11.57 5.22 -5.39
N LYS B 227 -11.62 5.18 -6.73
CA LYS B 227 -11.21 6.32 -7.57
C LYS B 227 -11.99 7.58 -7.27
N GLY B 228 -13.20 7.41 -6.74
CA GLY B 228 -14.03 8.50 -6.23
C GLY B 228 -13.37 9.46 -5.26
N PHE B 229 -12.42 8.98 -4.47
CA PHE B 229 -11.74 9.83 -3.49
CA PHE B 229 -11.75 9.83 -3.50
C PHE B 229 -10.86 10.88 -4.18
C PHE B 229 -10.87 10.88 -4.18
N GLY B 230 -10.50 10.65 -5.45
CA GLY B 230 -9.66 11.62 -6.19
C GLY B 230 -10.31 13.00 -6.25
N ALA B 231 -11.61 13.01 -6.54
CA ALA B 231 -12.39 14.25 -6.62
C ALA B 231 -12.37 15.05 -5.31
N GLN B 232 -11.98 14.41 -4.21
CA GLN B 232 -11.90 15.11 -2.94
C GLN B 232 -10.54 14.90 -2.24
N ASN B 233 -9.47 14.81 -3.04
CA ASN B 233 -8.10 14.65 -2.53
C ASN B 233 -7.58 15.82 -1.67
N GLN B 234 -8.25 16.98 -1.73
CA GLN B 234 -7.84 18.13 -0.93
C GLN B 234 -8.16 17.92 0.56
N TYR B 235 -9.05 16.99 0.87
CA TYR B 235 -9.35 16.66 2.27
C TYR B 235 -8.41 15.58 2.79
N LEU B 236 -7.75 15.83 3.93
CA LEU B 236 -6.89 14.83 4.57
C LEU B 236 -7.62 13.49 4.77
N LEU B 237 -8.89 13.52 5.17
CA LEU B 237 -9.59 12.27 5.44
C LEU B 237 -9.81 11.43 4.16
N SER B 238 -9.94 12.11 3.02
CA SER B 238 -10.04 11.41 1.71
C SER B 238 -8.70 10.79 1.26
N GLN B 239 -7.61 11.51 1.54
CA GLN B 239 -6.28 10.98 1.34
C GLN B 239 -6.11 9.71 2.15
N MET B 240 -6.49 9.79 3.42
CA MET B 240 -6.34 8.64 4.34
C MET B 240 -7.16 7.43 3.92
N VAL B 241 -8.46 7.62 3.79
CA VAL B 241 -9.34 6.51 3.43
C VAL B 241 -9.15 6.08 1.97
N GLY B 242 -8.99 7.05 1.08
CA GLY B 242 -8.64 6.73 -0.30
C GLY B 242 -7.41 5.86 -0.39
N THR B 243 -6.35 6.22 0.33
CA THR B 243 -5.11 5.44 0.29
C THR B 243 -5.33 4.08 0.93
N MET B 244 -6.03 4.04 2.07
CA MET B 244 -6.27 2.79 2.80
C MET B 244 -7.03 1.78 1.90
N TRP B 245 -8.08 2.25 1.24
CA TRP B 245 -8.81 1.38 0.32
C TRP B 245 -7.99 0.99 -0.91
N ALA B 246 -7.25 1.96 -1.47
CA ALA B 246 -6.45 1.71 -2.70
C ALA B 246 -5.39 0.68 -2.43
N MET B 247 -4.94 0.56 -1.18
CA MET B 247 -3.91 -0.40 -0.81
C MET B 247 -4.42 -1.84 -0.88
N SER B 248 -5.72 -2.03 -1.13
CA SER B 248 -6.39 -3.32 -0.98
C SER B 248 -7.19 -3.81 -2.19
N THR B 249 -7.31 -2.99 -3.23
CA THR B 249 -8.25 -3.29 -4.33
C THR B 249 -7.81 -4.46 -5.19
N HIS B 250 -6.58 -4.94 -5.05
CA HIS B 250 -6.05 -6.03 -5.84
C HIS B 250 -6.28 -7.37 -5.20
N GLU B 251 -6.66 -7.37 -3.91
CA GLU B 251 -6.74 -8.62 -3.14
C GLU B 251 -7.75 -9.62 -3.73
N GLU B 252 -8.85 -9.09 -4.26
CA GLU B 252 -9.86 -9.90 -4.90
C GLU B 252 -9.31 -10.65 -6.12
N ILE B 253 -8.41 -9.98 -6.84
CA ILE B 253 -7.75 -10.58 -7.98
C ILE B 253 -6.74 -11.57 -7.48
N LEU B 254 -5.88 -11.15 -6.55
CA LEU B 254 -4.77 -11.99 -6.07
C LEU B 254 -5.27 -13.27 -5.40
N ARG B 255 -6.37 -13.15 -4.67
CA ARG B 255 -6.93 -14.28 -3.91
C ARG B 255 -8.19 -14.86 -4.59
N ASP B 256 -8.38 -14.53 -5.86
CA ASP B 256 -9.36 -15.21 -6.70
C ASP B 256 -10.79 -15.02 -6.19
N GLY B 257 -11.14 -13.77 -5.94
CA GLY B 257 -12.47 -13.44 -5.49
C GLY B 257 -12.62 -13.30 -3.98
N ASP B 258 -11.63 -13.73 -3.22
CA ASP B 258 -11.68 -13.56 -1.76
C ASP B 258 -11.27 -12.12 -1.43
N ALA B 259 -12.17 -11.19 -1.72
CA ALA B 259 -11.90 -9.75 -1.68
C ALA B 259 -11.42 -9.18 -0.33
N TYR B 260 -10.90 -7.94 -0.38
CA TYR B 260 -10.82 -7.08 0.82
C TYR B 260 -12.21 -6.46 0.85
N TYR B 261 -12.88 -6.54 1.99
CA TYR B 261 -14.18 -5.90 2.18
C TYR B 261 -14.04 -4.71 3.16
N ALA B 262 -15.07 -3.88 3.24
CA ALA B 262 -15.07 -2.76 4.19
C ALA B 262 -15.74 -3.24 5.49
N TRP B 263 -15.25 -4.38 5.99
CA TRP B 263 -15.90 -5.12 7.08
C TRP B 263 -16.09 -4.24 8.34
N ASP B 264 -14.99 -3.70 8.86
CA ASP B 264 -14.98 -2.95 10.09
C ASP B 264 -15.71 -1.63 9.94
N ALA B 265 -15.59 -1.05 8.77
CA ALA B 265 -16.09 0.25 8.48
C ALA B 265 -17.64 0.27 8.39
N LEU B 266 -18.18 -0.76 7.77
CA LEU B 266 -19.64 -0.95 7.76
C LEU B 266 -20.16 -1.14 9.21
N THR B 267 -19.43 -1.90 10.01
CA THR B 267 -19.77 -2.13 11.41
C THR B 267 -19.88 -0.80 12.18
N ALA B 268 -18.86 0.02 12.06
CA ALA B 268 -18.86 1.36 12.65
C ALA B 268 -19.94 2.24 12.04
N ALA B 269 -20.23 2.04 10.76
CA ALA B 269 -21.27 2.85 10.07
C ALA B 269 -22.66 2.65 10.72
N TYR B 270 -22.93 1.44 11.22
CA TYR B 270 -24.19 1.16 11.91
C TYR B 270 -24.43 2.09 13.12
N ILE B 271 -23.35 2.40 13.84
CA ILE B 271 -23.40 3.31 14.99
C ILE B 271 -23.82 4.69 14.55
N LEU B 272 -23.33 5.09 13.38
CA LEU B 272 -23.65 6.37 12.77
C LEU B 272 -25.02 6.42 12.06
N GLU B 273 -25.48 5.29 11.55
CA GLU B 273 -26.76 5.22 10.81
C GLU B 273 -27.41 3.91 11.16
N PRO B 274 -28.23 3.91 12.22
CA PRO B 274 -28.85 2.66 12.68
C PRO B 274 -29.77 1.99 11.67
N THR B 275 -30.28 2.73 10.68
CA THR B 275 -31.14 2.13 9.63
C THR B 275 -30.39 1.58 8.41
N ILE B 276 -29.07 1.54 8.45
CA ILE B 276 -28.29 1.02 7.31
C ILE B 276 -28.47 -0.50 7.13
N ALA B 277 -28.87 -1.19 8.19
CA ALA B 277 -29.19 -2.63 8.11
C ALA B 277 -30.40 -2.96 8.99
N THR B 278 -31.08 -4.05 8.68
CA THR B 278 -32.11 -4.57 9.57
C THR B 278 -31.47 -5.66 10.40
N LEU B 279 -32.04 -5.94 11.58
CA LEU B 279 -31.50 -6.96 12.46
C LEU B 279 -32.34 -8.24 12.52
N GLU B 280 -31.68 -9.37 12.76
CA GLU B 280 -32.35 -10.65 12.97
C GLU B 280 -31.82 -11.34 14.23
N PRO B 281 -32.71 -11.58 15.21
CA PRO B 281 -32.24 -12.26 16.42
C PRO B 281 -31.80 -13.70 16.10
N VAL B 282 -30.64 -14.14 16.58
CA VAL B 282 -30.18 -15.49 16.32
C VAL B 282 -29.47 -16.04 17.54
N ALA B 283 -29.68 -17.34 17.75
CA ALA B 283 -29.01 -18.11 18.78
C ALA B 283 -27.77 -18.73 18.12
N LEU B 284 -26.59 -18.57 18.73
CA LEU B 284 -25.34 -19.08 18.16
C LEU B 284 -24.65 -20.12 19.07
N ASP B 285 -24.01 -21.10 18.46
CA ASP B 285 -23.31 -22.16 19.18
C ASP B 285 -21.86 -22.10 18.68
N VAL B 286 -21.09 -21.15 19.26
CA VAL B 286 -19.75 -20.84 18.79
C VAL B 286 -18.85 -22.02 18.99
N ASP B 287 -18.24 -22.45 17.90
CA ASP B 287 -17.40 -23.64 17.92
C ASP B 287 -16.05 -23.29 18.55
N VAL B 288 -15.78 -23.85 19.72
CA VAL B 288 -14.49 -23.65 20.39
C VAL B 288 -13.64 -24.90 20.37
N SER B 289 -14.00 -25.89 19.54
CA SER B 289 -13.22 -27.13 19.38
C SER B 289 -11.89 -26.81 18.74
N LYS B 290 -10.96 -27.77 18.73
CA LYS B 290 -9.68 -27.65 18.03
C LYS B 290 -9.62 -28.54 16.79
N GLY B 291 -10.77 -28.72 16.16
CA GLY B 291 -10.85 -29.38 14.86
C GLY B 291 -10.86 -28.32 13.79
N LYS B 292 -11.17 -28.76 12.56
CA LYS B 292 -11.23 -27.95 11.34
C LYS B 292 -12.31 -26.87 11.35
N SER B 293 -13.34 -27.07 12.15
CA SER B 293 -14.45 -26.10 12.23
C SER B 293 -14.21 -25.03 13.32
N GLU B 294 -13.03 -25.04 13.96
CA GLU B 294 -12.72 -24.09 15.03
C GLU B 294 -13.09 -22.66 14.64
N GLY B 295 -13.81 -21.97 15.54
CA GLY B 295 -14.23 -20.60 15.27
C GLY B 295 -15.57 -20.39 14.56
N ARG B 296 -16.22 -21.46 14.12
CA ARG B 296 -17.47 -21.33 13.40
C ARG B 296 -18.54 -20.73 14.33
N THR B 297 -19.44 -19.94 13.75
CA THR B 297 -20.61 -19.43 14.46
C THR B 297 -21.91 -19.92 13.81
N PRO B 298 -22.19 -21.24 13.92
CA PRO B 298 -23.42 -21.83 13.42
C PRO B 298 -24.60 -21.51 14.30
N ARG B 299 -25.80 -21.42 13.72
CA ARG B 299 -27.04 -21.35 14.51
C ARG B 299 -27.09 -22.49 15.52
N ALA B 300 -27.53 -22.20 16.74
CA ALA B 300 -27.58 -23.20 17.82
C ALA B 300 -28.71 -24.18 17.52
N SER B 301 -28.48 -25.47 17.81
CA SER B 301 -29.48 -26.53 17.56
C SER B 301 -30.66 -26.43 18.52
N GLY B 304 -33.62 -22.38 22.66
CA GLY B 304 -32.53 -21.58 22.09
C GLY B 304 -32.86 -20.10 22.00
N LYS B 305 -32.61 -19.39 23.10
CA LYS B 305 -32.88 -17.94 23.24
C LYS B 305 -31.77 -17.13 22.54
N PRO B 306 -32.15 -16.08 21.75
CA PRO B 306 -31.19 -15.29 20.94
C PRO B 306 -29.91 -14.79 21.67
N CYS B 307 -28.79 -14.93 20.97
CA CYS B 307 -27.47 -14.46 21.44
C CYS B 307 -27.20 -13.06 20.93
N VAL B 308 -27.53 -12.83 19.66
CA VAL B 308 -27.10 -11.65 18.93
C VAL B 308 -28.17 -11.20 17.94
N HIS B 309 -28.09 -9.92 17.57
CA HIS B 309 -28.88 -9.34 16.52
C HIS B 309 -27.98 -9.27 15.29
N VAL B 310 -28.27 -10.11 14.30
CA VAL B 310 -27.39 -10.25 13.14
C VAL B 310 -27.79 -9.22 12.12
N ALA B 311 -26.83 -8.46 11.61
CA ALA B 311 -27.16 -7.44 10.60
C ALA B 311 -27.56 -8.13 9.27
N ARG B 312 -28.56 -7.60 8.58
CA ARG B 312 -29.04 -8.18 7.30
C ARG B 312 -29.25 -7.07 6.28
N ASN B 313 -29.03 -7.41 5.01
CA ASN B 313 -29.26 -6.51 3.84
C ASN B 313 -28.77 -5.08 4.02
N PRO B 314 -27.47 -4.91 4.29
CA PRO B 314 -26.96 -3.57 4.47
C PRO B 314 -27.09 -2.74 3.18
N SER B 315 -27.38 -1.46 3.31
CA SER B 315 -27.49 -0.57 2.18
C SER B 315 -26.13 -0.04 1.67
N LYS B 316 -25.71 -0.57 0.51
CA LYS B 316 -24.50 -0.14 -0.15
C LYS B 316 -24.51 1.35 -0.35
N GLN B 317 -25.63 1.89 -0.83
CA GLN B 317 -25.74 3.31 -1.12
C GLN B 317 -25.60 4.22 0.11
N MET B 318 -26.27 3.91 1.20
CA MET B 318 -26.09 4.69 2.44
C MET B 318 -24.62 4.66 2.89
N PHE B 319 -24.00 3.49 2.80
CA PHE B 319 -22.61 3.34 3.25
C PHE B 319 -21.69 4.24 2.47
N HIS B 320 -21.82 4.14 1.14
CA HIS B 320 -21.17 5.06 0.22
C HIS B 320 -21.37 6.54 0.56
N ASP B 321 -22.60 6.97 0.83
CA ASP B 321 -22.86 8.39 1.05
C ASP B 321 -22.25 8.81 2.41
N LEU B 322 -22.28 7.93 3.42
CA LEU B 322 -21.66 8.23 4.72
C LEU B 322 -20.12 8.33 4.61
N VAL B 323 -19.52 7.40 3.90
CA VAL B 323 -18.07 7.36 3.80
C VAL B 323 -17.58 8.59 3.04
N PHE B 324 -18.20 8.88 1.92
CA PHE B 324 -17.76 10.02 1.17
C PHE B 324 -18.05 11.36 1.84
N ALA B 325 -19.17 11.46 2.57
CA ALA B 325 -19.47 12.71 3.28
C ALA B 325 -18.52 12.88 4.43
N SER B 326 -18.28 11.79 5.16
CA SER B 326 -17.40 11.79 6.33
C SER B 326 -15.95 12.18 5.97
N THR B 327 -15.48 11.67 4.82
CA THR B 327 -14.10 11.95 4.38
C THR B 327 -13.95 13.31 3.72
N ARG B 328 -15.05 14.07 3.62
CA ARG B 328 -15.00 15.51 3.29
C ARG B 328 -15.02 16.43 4.49
N VAL B 329 -15.14 15.87 5.70
CA VAL B 329 -15.19 16.65 6.94
C VAL B 329 -13.92 17.50 7.15
N CYS B 330 -12.76 16.99 6.74
CA CYS B 330 -11.46 17.73 6.84
C CYS B 330 -10.38 16.94 6.08
#